data_2XFU
#
_entry.id   2XFU
#
_cell.length_a   130.609
_cell.length_b   222.551
_cell.length_c   86.201
_cell.angle_alpha   90.00
_cell.angle_beta   90.00
_cell.angle_gamma   90.00
#
_symmetry.space_group_name_H-M   'C 2 2 2'
#
loop_
_entity.id
_entity.type
_entity.pdbx_description
1 polymer 'Amine oxidase [flavin-containing] B'
2 non-polymer '[[(2R,3S,4S)-5-[(4AS)-7,8-DIMETHYL-2,4-DIOXO-4A,5-DIHYDROBENZO[G]PTERIDIN-10-YL]-2,3,4-TRIHYDROXY-PENTOXY]-HYDROXY-PHOSPHORYL] [(2R,3S,4R,5R)-5-(6-AMINOPURIN-9-YL)-3,4-DIHYDROXY-OXOLAN-2-YL]METHYL HYDROGEN PHOSPHATE'
3 non-polymer 3-PHENYLPROPANAL
4 water water
#
_entity_poly.entity_id   1
_entity_poly.type   'polypeptide(L)'
_entity_poly.pdbx_seq_one_letter_code
;SNKCDVVVVGGGISGMAAAKLLHDSGLNVVVLEARDRVGGRTYTLRNQKVKYVDLGGSYVGPTQNRILRLAKELGLETYK
VNEVERLIHHVKGKSYPFRGPFPPVWNPITYLDHNNFWRTMDDMGREIPSDAPWKAPLAEEWDNMTMKELLDKLCWTESA
KQLATLFVNLCVTAETHEVSALWFLWYVKQCGGTTRIISTTNGGQERKFVGGSGQVSERIMDLLGDRVKLERPVIYIDQT
RENVLVETLNHEMYEAKYVISAIPPTLGMKIHFNPPLPMMRNQMITRVPLGSVIKCIVYYKEPFWRKKDYCGTMIIDGEE
APVAYTLDDTKPEGNYAAIMGFILAHKARKLARLTKEERLKKLCELYAKVLGSLEALEPVHYEEKNWCEEQYSGGCYTTY
FPPGILTQYGRVLRQPVDRIYFAGTETATHWSGYMEGAVEAGERAAREILHAMGKIPEDEIWQSEPESVDVPAQPITTTF
LERHLPSVPGLLRLIGLTTIFSATALGFLAHKRGLLVRV
;
_entity_poly.pdbx_strand_id   A,B
#
# COMPACT_ATOMS: atom_id res chain seq x y z
N ASN A 2 -11.28 -23.77 23.70
CA ASN A 2 -11.34 -22.49 24.47
C ASN A 2 -9.96 -22.09 25.01
N LYS A 3 -9.45 -22.82 26.00
CA LYS A 3 -8.26 -22.35 26.74
C LYS A 3 -6.96 -23.05 26.37
N CYS A 4 -5.89 -22.26 26.18
CA CYS A 4 -4.55 -22.79 25.89
C CYS A 4 -3.44 -21.84 26.34
N ASP A 5 -2.19 -22.22 26.12
CA ASP A 5 -1.08 -21.32 26.39
C ASP A 5 -0.87 -20.27 25.28
N VAL A 6 -0.90 -20.72 24.02
CA VAL A 6 -0.60 -19.87 22.86
C VAL A 6 -1.56 -20.13 21.69
N VAL A 7 -2.15 -19.05 21.17
CA VAL A 7 -2.92 -19.16 19.94
C VAL A 7 -2.01 -18.72 18.79
N VAL A 8 -1.87 -19.60 17.82
CA VAL A 8 -1.18 -19.27 16.58
C VAL A 8 -2.20 -18.99 15.50
N VAL A 9 -2.21 -17.77 14.99
CA VAL A 9 -3.09 -17.39 13.90
C VAL A 9 -2.38 -17.64 12.55
N GLY A 10 -2.93 -18.53 11.73
CA GLY A 10 -2.30 -18.91 10.48
C GLY A 10 -1.64 -20.27 10.55
N GLY A 11 -2.04 -21.16 9.64
CA GLY A 11 -1.43 -22.47 9.57
C GLY A 11 -0.64 -22.68 8.30
N GLY A 12 0.13 -21.68 7.89
CA GLY A 12 1.13 -21.84 6.84
C GLY A 12 2.40 -22.35 7.49
N ILE A 13 3.47 -22.44 6.73
CA ILE A 13 4.74 -22.92 7.25
C ILE A 13 5.17 -22.21 8.54
N SER A 14 5.02 -20.89 8.56
CA SER A 14 5.49 -20.11 9.69
C SER A 14 4.73 -20.43 10.98
N GLY A 15 3.41 -20.52 10.86
CA GLY A 15 2.56 -20.83 12.00
C GLY A 15 2.74 -22.27 12.45
N MET A 16 2.85 -23.19 11.48
CA MET A 16 3.06 -24.59 11.79
C MET A 16 4.40 -24.79 12.50
N ALA A 17 5.46 -24.18 11.97
CA ALA A 17 6.79 -24.23 12.60
C ALA A 17 6.81 -23.64 14.01
N ALA A 18 6.06 -22.57 14.25
CA ALA A 18 5.95 -21.99 15.59
C ALA A 18 5.21 -22.92 16.54
N ALA A 19 4.06 -23.45 16.10
CA ALA A 19 3.26 -24.35 16.91
C ALA A 19 4.05 -25.61 17.28
N LYS A 20 4.79 -26.16 16.30
CA LYS A 20 5.64 -27.34 16.54
C LYS A 20 6.68 -27.08 17.61
N LEU A 21 7.37 -25.95 17.55
CA LEU A 21 8.38 -25.65 18.53
C LEU A 21 7.76 -25.51 19.93
N LEU A 22 6.63 -24.80 20.01
CA LEU A 22 5.90 -24.61 21.26
C LEU A 22 5.35 -25.92 21.83
N HIS A 23 4.82 -26.76 20.94
CA HIS A 23 4.30 -28.08 21.32
C HIS A 23 5.44 -28.93 21.87
N ASP A 24 6.57 -28.96 21.17
CA ASP A 24 7.77 -29.69 21.59
C ASP A 24 8.36 -29.18 22.91
N SER A 25 8.08 -27.92 23.24
CA SER A 25 8.55 -27.33 24.49
C SER A 25 7.58 -27.59 25.64
N GLY A 26 6.51 -28.35 25.36
CA GLY A 26 5.56 -28.73 26.39
C GLY A 26 4.43 -27.75 26.67
N LEU A 27 4.20 -26.81 25.76
CA LEU A 27 3.07 -25.88 25.89
C LEU A 27 1.85 -26.35 25.11
N ASN A 28 0.66 -26.03 25.61
CA ASN A 28 -0.60 -26.27 24.89
C ASN A 28 -0.85 -25.15 23.86
N VAL A 29 -0.85 -25.54 22.59
CA VAL A 29 -1.07 -24.60 21.50
C VAL A 29 -2.28 -25.00 20.66
N VAL A 30 -2.95 -23.98 20.17
CA VAL A 30 -3.98 -24.15 19.17
C VAL A 30 -3.54 -23.32 17.95
N VAL A 31 -3.75 -23.86 16.76
CA VAL A 31 -3.57 -23.11 15.50
C VAL A 31 -4.95 -22.85 14.90
N LEU A 32 -5.22 -21.58 14.59
CA LEU A 32 -6.47 -21.19 13.95
C LEU A 32 -6.17 -20.85 12.49
N GLU A 33 -6.79 -21.59 11.58
CA GLU A 33 -6.53 -21.48 10.16
C GLU A 33 -7.80 -21.11 9.42
N ALA A 34 -7.73 -20.04 8.64
CA ALA A 34 -8.86 -19.47 7.92
C ALA A 34 -9.39 -20.39 6.82
N ARG A 35 -8.51 -21.19 6.22
CA ARG A 35 -8.84 -22.06 5.10
C ARG A 35 -9.20 -23.49 5.52
N ASP A 36 -9.76 -24.25 4.58
CA ASP A 36 -10.04 -25.68 4.77
C ASP A 36 -8.80 -26.56 4.58
N ARG A 37 -7.61 -25.96 4.63
CA ARG A 37 -6.34 -26.66 4.52
C ARG A 37 -5.28 -25.85 5.23
N VAL A 38 -4.16 -26.50 5.54
CA VAL A 38 -2.95 -25.81 5.96
C VAL A 38 -2.03 -25.58 4.75
N GLY A 39 -0.97 -24.80 4.92
CA GLY A 39 0.01 -24.61 3.85
C GLY A 39 0.13 -23.17 3.36
N GLY A 40 -0.97 -22.42 3.43
CA GLY A 40 -1.03 -21.03 3.01
C GLY A 40 -0.54 -20.83 1.58
N ARG A 41 0.64 -20.21 1.46
CA ARG A 41 1.20 -19.91 0.14
C ARG A 41 1.95 -21.10 -0.47
N THR A 42 1.99 -22.20 0.27
CA THR A 42 2.35 -23.51 -0.30
C THR A 42 1.06 -24.33 -0.47
N TYR A 43 0.91 -24.94 -1.64
CA TYR A 43 -0.27 -25.73 -1.96
C TYR A 43 0.09 -26.79 -2.99
N THR A 44 0.03 -28.04 -2.58
CA THR A 44 0.32 -29.15 -3.47
C THR A 44 -1.00 -29.76 -3.89
N LEU A 45 -1.28 -29.71 -5.18
CA LEU A 45 -2.48 -30.32 -5.76
C LEU A 45 -2.13 -31.74 -6.17
N ARG A 46 -2.98 -32.69 -5.78
CA ARG A 46 -2.83 -34.09 -6.21
C ARG A 46 -4.05 -34.53 -7.01
N ASN A 47 -3.79 -35.00 -8.23
CA ASN A 47 -4.78 -35.67 -9.05
C ASN A 47 -4.05 -36.71 -9.90
N GLN A 48 -4.79 -37.48 -10.67
CA GLN A 48 -4.22 -38.57 -11.47
C GLN A 48 -3.37 -38.05 -12.63
N LYS A 49 -3.76 -36.91 -13.19
CA LYS A 49 -3.06 -36.36 -14.36
C LYS A 49 -1.69 -35.79 -14.04
N VAL A 50 -1.49 -35.29 -12.82
CA VAL A 50 -0.20 -34.69 -12.41
C VAL A 50 0.59 -35.52 -11.39
N LYS A 51 -0.07 -36.49 -10.78
CA LYS A 51 0.38 -37.12 -9.53
C LYS A 51 0.37 -36.09 -8.38
N TYR A 52 1.34 -35.19 -8.38
CA TYR A 52 1.31 -34.02 -7.49
C TYR A 52 1.94 -32.84 -8.22
N VAL A 53 1.53 -31.63 -7.86
CA VAL A 53 2.19 -30.41 -8.34
C VAL A 53 2.06 -29.25 -7.35
N ASP A 54 3.16 -28.56 -7.10
CA ASP A 54 3.19 -27.37 -6.29
C ASP A 54 2.65 -26.18 -7.08
N LEU A 55 1.57 -25.60 -6.58
CA LEU A 55 0.98 -24.42 -7.20
C LEU A 55 1.40 -23.10 -6.51
N GLY A 56 2.08 -23.23 -5.37
CA GLY A 56 2.65 -22.09 -4.68
C GLY A 56 4.14 -22.25 -4.51
N GLY A 57 4.64 -21.92 -3.31
CA GLY A 57 6.06 -22.10 -2.99
C GLY A 57 6.50 -23.54 -3.14
N SER A 58 7.72 -23.72 -3.62
CA SER A 58 8.19 -24.99 -4.16
C SER A 58 9.71 -25.18 -4.03
N TYR A 59 10.49 -24.19 -4.43
CA TYR A 59 11.95 -24.32 -4.53
C TYR A 59 12.66 -24.03 -3.24
N VAL A 60 13.62 -24.90 -2.92
CA VAL A 60 14.53 -24.70 -1.80
C VAL A 60 15.94 -24.80 -2.33
N GLY A 61 16.90 -24.18 -1.64
CA GLY A 61 18.28 -24.16 -2.12
C GLY A 61 19.28 -24.07 -0.98
N PRO A 62 20.58 -24.15 -1.30
CA PRO A 62 21.64 -24.02 -0.31
C PRO A 62 21.59 -22.70 0.44
N THR A 63 22.05 -22.74 1.68
CA THR A 63 21.90 -21.68 2.69
C THR A 63 20.49 -21.61 3.31
N GLN A 64 19.51 -22.33 2.76
CA GLN A 64 18.16 -22.38 3.36
C GLN A 64 18.09 -23.54 4.37
N ASN A 65 18.84 -23.40 5.45
CA ASN A 65 19.12 -24.53 6.33
C ASN A 65 17.98 -24.93 7.27
N ARG A 66 17.12 -23.97 7.63
CA ARG A 66 16.00 -24.23 8.54
C ARG A 66 14.86 -25.01 7.90
N ILE A 67 14.42 -24.60 6.70
CA ILE A 67 13.40 -25.35 5.96
C ILE A 67 13.91 -26.77 5.61
N LEU A 68 15.19 -26.86 5.27
CA LEU A 68 15.79 -28.17 4.97
C LEU A 68 15.84 -29.08 6.20
N ARG A 69 16.19 -28.52 7.37
CA ARG A 69 16.17 -29.30 8.61
C ARG A 69 14.74 -29.67 9.03
N LEU A 70 13.80 -28.75 8.90
CA LEU A 70 12.41 -29.03 9.27
C LEU A 70 11.82 -30.13 8.41
N ALA A 71 11.97 -30.01 7.10
CA ALA A 71 11.46 -31.00 6.14
C ALA A 71 12.13 -32.38 6.32
N LYS A 72 13.44 -32.37 6.55
CA LYS A 72 14.17 -33.62 6.81
C LYS A 72 13.61 -34.31 8.06
N GLU A 73 13.39 -33.55 9.12
CA GLU A 73 12.85 -34.08 10.37
C GLU A 73 11.43 -34.64 10.21
N LEU A 74 10.71 -34.13 9.22
CA LEU A 74 9.37 -34.62 8.90
C LEU A 74 9.39 -35.79 7.92
N GLY A 75 10.58 -36.20 7.48
CA GLY A 75 10.72 -37.35 6.58
C GLY A 75 10.69 -37.02 5.09
N LEU A 76 10.91 -35.76 4.75
CA LEU A 76 10.86 -35.33 3.35
C LEU A 76 12.24 -35.36 2.69
N GLU A 77 12.25 -35.50 1.37
CA GLU A 77 13.47 -35.57 0.58
C GLU A 77 13.41 -34.51 -0.51
N THR A 78 14.57 -34.04 -0.97
CA THR A 78 14.63 -33.11 -2.09
C THR A 78 15.17 -33.79 -3.33
N TYR A 79 14.84 -33.25 -4.48
CA TYR A 79 15.48 -33.64 -5.71
C TYR A 79 15.91 -32.38 -6.48
N LYS A 80 16.87 -32.56 -7.37
CA LYS A 80 17.43 -31.45 -8.11
C LYS A 80 16.58 -31.05 -9.32
N VAL A 81 16.29 -29.76 -9.43
CA VAL A 81 15.71 -29.21 -10.67
C VAL A 81 16.66 -29.42 -11.87
N ASN A 82 16.12 -29.91 -12.99
CA ASN A 82 16.91 -30.19 -14.20
C ASN A 82 17.62 -28.97 -14.80
N GLU A 83 18.94 -28.97 -14.75
CA GLU A 83 19.73 -27.91 -15.39
C GLU A 83 20.89 -28.53 -16.19
N VAL A 84 20.70 -29.76 -16.64
CA VAL A 84 21.74 -30.50 -17.32
C VAL A 84 22.04 -29.92 -18.71
N GLU A 85 20.99 -29.60 -19.47
CA GLU A 85 21.17 -29.09 -20.83
C GLU A 85 21.25 -27.54 -20.82
N ARG A 86 21.11 -26.91 -21.99
CA ARG A 86 21.27 -25.46 -22.13
C ARG A 86 20.08 -24.63 -21.63
N LEU A 87 20.38 -23.52 -20.96
CA LEU A 87 19.38 -22.49 -20.64
C LEU A 87 19.18 -21.68 -21.89
N ILE A 88 18.11 -20.89 -21.93
CA ILE A 88 17.82 -20.05 -23.07
C ILE A 88 17.53 -18.63 -22.58
N HIS A 89 18.10 -17.66 -23.30
CA HIS A 89 17.75 -16.27 -23.12
C HIS A 89 17.09 -15.79 -24.41
N HIS A 90 15.80 -15.49 -24.33
CA HIS A 90 15.05 -15.04 -25.49
C HIS A 90 14.95 -13.51 -25.40
N VAL A 91 15.58 -12.85 -26.38
CA VAL A 91 15.65 -11.38 -26.43
C VAL A 91 15.29 -10.92 -27.82
N LYS A 92 14.41 -9.91 -27.90
CA LYS A 92 13.97 -9.33 -29.17
C LYS A 92 13.58 -10.41 -30.19
N GLY A 93 12.69 -11.31 -29.76
CA GLY A 93 12.11 -12.33 -30.65
C GLY A 93 13.01 -13.51 -31.02
N LYS A 94 14.23 -13.55 -30.46
CA LYS A 94 15.25 -14.53 -30.87
C LYS A 94 15.81 -15.24 -29.64
N SER A 95 16.03 -16.55 -29.75
CA SER A 95 16.57 -17.35 -28.61
C SER A 95 18.10 -17.54 -28.65
N TYR A 96 18.74 -17.37 -27.50
CA TYR A 96 20.19 -17.53 -27.38
C TYR A 96 20.53 -18.59 -26.34
N PRO A 97 20.79 -19.82 -26.78
CA PRO A 97 21.12 -20.90 -25.84
C PRO A 97 22.44 -20.60 -25.15
N PHE A 98 22.52 -20.91 -23.87
CA PHE A 98 23.77 -20.72 -23.15
C PHE A 98 23.99 -21.79 -22.11
N ARG A 99 25.26 -22.14 -21.93
CA ARG A 99 25.65 -23.07 -20.88
C ARG A 99 25.95 -22.23 -19.65
N GLY A 100 25.88 -22.82 -18.47
CA GLY A 100 26.31 -22.13 -17.27
C GLY A 100 25.20 -21.25 -16.72
N PRO A 101 25.45 -20.59 -15.58
CA PRO A 101 24.35 -19.95 -14.86
C PRO A 101 23.79 -18.67 -15.51
N PHE A 102 24.63 -17.90 -16.20
CA PHE A 102 24.20 -16.59 -16.69
C PHE A 102 24.43 -16.38 -18.18
N PRO A 103 23.51 -15.63 -18.84
CA PRO A 103 23.62 -15.42 -20.28
C PRO A 103 24.88 -14.61 -20.61
N PRO A 104 25.66 -15.06 -21.61
CA PRO A 104 26.89 -14.36 -21.94
C PRO A 104 26.60 -13.03 -22.65
N VAL A 105 27.43 -12.03 -22.37
CA VAL A 105 27.34 -10.74 -23.04
C VAL A 105 28.65 -10.52 -23.80
N TRP A 106 28.55 -10.37 -25.12
CA TRP A 106 29.72 -10.25 -25.99
C TRP A 106 30.23 -8.83 -26.24
N ASN A 107 29.31 -7.90 -26.50
CA ASN A 107 29.66 -6.50 -26.68
C ASN A 107 30.32 -5.95 -25.41
N PRO A 108 31.62 -5.56 -25.49
CA PRO A 108 32.42 -5.15 -24.33
C PRO A 108 31.84 -4.01 -23.49
N ILE A 109 31.10 -3.12 -24.12
CA ILE A 109 30.48 -1.98 -23.44
C ILE A 109 29.28 -2.47 -22.65
N THR A 110 28.44 -3.24 -23.33
CA THR A 110 27.28 -3.88 -22.74
C THR A 110 27.73 -4.78 -21.58
N TYR A 111 28.89 -5.42 -21.76
CA TYR A 111 29.49 -6.26 -20.72
C TYR A 111 29.90 -5.45 -19.49
N LEU A 112 30.49 -4.28 -19.70
CA LEU A 112 30.89 -3.42 -18.57
C LEU A 112 29.67 -2.93 -17.79
N ASP A 113 28.55 -2.77 -18.49
CA ASP A 113 27.34 -2.24 -17.88
C ASP A 113 26.64 -3.32 -17.05
N HIS A 114 26.53 -4.53 -17.62
CA HIS A 114 25.94 -5.69 -16.94
C HIS A 114 26.72 -6.05 -15.68
N ASN A 115 28.03 -6.22 -15.83
CA ASN A 115 28.93 -6.49 -14.72
C ASN A 115 28.77 -5.47 -13.59
N ASN A 116 28.77 -4.17 -13.95
CA ASN A 116 28.63 -3.11 -12.99
C ASN A 116 27.26 -3.09 -12.33
N PHE A 117 26.20 -3.38 -13.09
CA PHE A 117 24.88 -3.42 -12.49
C PHE A 117 24.81 -4.42 -11.31
N TRP A 118 25.17 -5.68 -11.55
CA TRP A 118 25.09 -6.72 -10.52
C TRP A 118 26.03 -6.46 -9.35
N ARG A 119 27.24 -6.01 -9.67
CA ARG A 119 28.25 -5.69 -8.69
C ARG A 119 27.76 -4.60 -7.74
N THR A 120 27.16 -3.54 -8.30
CA THR A 120 26.66 -2.42 -7.53
C THR A 120 25.49 -2.79 -6.63
N MET A 121 24.59 -3.61 -7.15
CA MET A 121 23.50 -4.16 -6.34
C MET A 121 24.01 -4.84 -5.08
N ASP A 122 25.01 -5.70 -5.25
CA ASP A 122 25.67 -6.34 -4.13
C ASP A 122 26.46 -5.36 -3.26
N ASP A 123 27.15 -4.39 -3.89
CA ASP A 123 27.87 -3.34 -3.13
C ASP A 123 26.93 -2.55 -2.22
N MET A 124 25.81 -2.12 -2.79
CA MET A 124 24.79 -1.39 -2.03
C MET A 124 24.20 -2.25 -0.92
N GLY A 125 23.97 -3.54 -1.19
CA GLY A 125 23.44 -4.48 -0.20
C GLY A 125 24.29 -4.63 1.06
N ARG A 126 25.61 -4.67 0.87
CA ARG A 126 26.55 -4.74 2.01
C ARG A 126 26.42 -3.59 2.99
N GLU A 127 25.84 -2.48 2.53
CA GLU A 127 25.59 -1.32 3.36
C GLU A 127 24.32 -1.46 4.22
N ILE A 128 23.50 -2.45 3.90
CA ILE A 128 22.18 -2.60 4.50
C ILE A 128 22.18 -3.73 5.52
N PRO A 129 21.94 -3.40 6.80
CA PRO A 129 21.85 -4.49 7.77
C PRO A 129 20.61 -5.34 7.51
N SER A 130 20.79 -6.66 7.54
CA SER A 130 19.74 -7.63 7.33
C SER A 130 18.59 -7.46 8.31
N ASP A 131 18.92 -7.18 9.57
CA ASP A 131 17.92 -7.15 10.63
C ASP A 131 17.34 -5.76 10.84
N ALA A 132 17.83 -4.79 10.07
CA ALA A 132 17.44 -3.40 10.27
C ALA A 132 17.77 -2.55 9.04
N PRO A 133 17.10 -2.83 7.90
CA PRO A 133 17.42 -2.09 6.65
C PRO A 133 17.34 -0.56 6.77
N TRP A 134 16.42 -0.05 7.60
CA TRP A 134 16.29 1.40 7.83
C TRP A 134 17.54 2.03 8.42
N LYS A 135 18.48 1.21 8.86
CA LYS A 135 19.72 1.72 9.46
C LYS A 135 20.87 1.89 8.48
N ALA A 136 20.68 1.50 7.23
CA ALA A 136 21.69 1.77 6.19
C ALA A 136 22.03 3.28 6.17
N PRO A 137 23.32 3.63 5.97
CA PRO A 137 23.71 5.04 5.97
C PRO A 137 22.90 5.93 5.02
N LEU A 138 22.51 5.39 3.85
CA LEU A 138 21.73 6.14 2.86
C LEU A 138 20.28 5.64 2.75
N ALA A 139 19.77 5.07 3.84
CA ALA A 139 18.43 4.48 3.86
C ALA A 139 17.37 5.41 3.28
N GLU A 140 17.29 6.64 3.78
CA GLU A 140 16.30 7.61 3.32
C GLU A 140 16.40 7.84 1.82
N GLU A 141 17.61 8.18 1.35
CA GLU A 141 17.87 8.40 -0.08
C GLU A 141 17.40 7.24 -0.97
N TRP A 142 17.71 6.01 -0.56
CA TRP A 142 17.39 4.81 -1.33
C TRP A 142 15.92 4.39 -1.23
N ASP A 143 15.30 4.65 -0.07
CA ASP A 143 13.89 4.36 0.14
C ASP A 143 12.95 5.34 -0.57
N ASN A 144 13.42 6.55 -0.85
CA ASN A 144 12.61 7.57 -1.51
C ASN A 144 12.67 7.48 -3.04
N MET A 145 13.14 6.34 -3.52
CA MET A 145 13.48 6.08 -4.91
C MET A 145 12.85 4.73 -5.20
N THR A 146 12.24 4.58 -6.38
CA THR A 146 11.78 3.26 -6.81
C THR A 146 12.94 2.49 -7.45
N MET A 147 12.74 1.21 -7.72
CA MET A 147 13.75 0.44 -8.43
C MET A 147 13.88 0.92 -9.87
N LYS A 148 12.79 1.45 -10.41
CA LYS A 148 12.86 2.02 -11.76
C LYS A 148 13.83 3.19 -11.87
N GLU A 149 13.78 4.11 -10.91
CA GLU A 149 14.72 5.25 -10.85
C GLU A 149 16.14 4.78 -10.70
N LEU A 150 16.37 3.76 -9.88
CA LEU A 150 17.71 3.23 -9.69
C LEU A 150 18.26 2.61 -10.97
N LEU A 151 17.49 1.77 -11.63
CA LEU A 151 17.92 1.19 -12.92
C LEU A 151 18.20 2.27 -13.96
N ASP A 152 17.34 3.30 -14.01
CA ASP A 152 17.57 4.48 -14.88
C ASP A 152 18.93 5.15 -14.62
N LYS A 153 19.35 5.17 -13.36
CA LYS A 153 20.63 5.72 -12.97
C LYS A 153 21.83 4.82 -13.25
N LEU A 154 21.70 3.52 -13.01
CA LEU A 154 22.86 2.62 -13.09
C LEU A 154 23.13 2.05 -14.46
N CYS A 155 22.07 1.79 -15.23
CA CYS A 155 22.18 1.02 -16.47
C CYS A 155 22.38 1.98 -17.61
N TRP A 156 23.54 1.90 -18.25
CA TRP A 156 23.89 2.77 -19.38
C TRP A 156 23.58 2.15 -20.75
N THR A 157 23.03 0.94 -20.73
CA THR A 157 22.55 0.27 -21.94
C THR A 157 21.14 -0.22 -21.69
N GLU A 158 20.33 -0.28 -22.74
CA GLU A 158 18.98 -0.84 -22.63
C GLU A 158 19.01 -2.35 -22.35
N SER A 159 20.07 -3.01 -22.80
CA SER A 159 20.23 -4.43 -22.58
C SER A 159 20.27 -4.78 -21.06
N ALA A 160 21.05 -4.01 -20.30
CA ALA A 160 21.19 -4.19 -18.88
C ALA A 160 19.89 -3.86 -18.17
N LYS A 161 19.27 -2.75 -18.57
CA LYS A 161 18.03 -2.31 -17.97
C LYS A 161 16.92 -3.34 -18.15
N GLN A 162 16.79 -3.88 -19.38
CA GLN A 162 15.80 -4.92 -19.69
C GLN A 162 15.99 -6.17 -18.84
N LEU A 163 17.24 -6.62 -18.68
CA LEU A 163 17.50 -7.82 -17.89
C LEU A 163 17.27 -7.55 -16.39
N ALA A 164 17.67 -6.37 -15.94
CA ALA A 164 17.50 -5.98 -14.54
C ALA A 164 16.01 -5.86 -14.19
N THR A 165 15.21 -5.36 -15.14
CA THR A 165 13.77 -5.22 -14.96
C THR A 165 13.10 -6.58 -14.82
N LEU A 166 13.48 -7.49 -15.70
CA LEU A 166 12.98 -8.85 -15.64
C LEU A 166 13.39 -9.50 -14.29
N PHE A 167 14.64 -9.26 -13.87
CA PHE A 167 15.14 -9.75 -12.58
C PHE A 167 14.27 -9.25 -11.41
N VAL A 168 13.91 -7.97 -11.39
CA VAL A 168 13.03 -7.42 -10.35
C VAL A 168 11.63 -8.09 -10.41
N ASN A 169 11.05 -8.14 -11.60
CA ASN A 169 9.76 -8.80 -11.81
C ASN A 169 9.77 -10.24 -11.28
N LEU A 170 10.83 -10.99 -11.58
CA LEU A 170 10.92 -12.39 -11.19
C LEU A 170 11.14 -12.57 -9.68
N CYS A 171 11.99 -11.75 -9.09
CA CYS A 171 12.30 -11.86 -7.66
C CYS A 171 11.15 -11.49 -6.75
N VAL A 172 10.38 -10.45 -7.11
CA VAL A 172 9.41 -9.87 -6.16
C VAL A 172 7.99 -9.69 -6.74
N THR A 173 7.75 -10.29 -7.91
CA THR A 173 6.44 -10.24 -8.62
C THR A 173 5.78 -8.87 -8.59
N ALA A 174 6.59 -7.84 -8.82
CA ALA A 174 6.12 -6.46 -8.89
C ALA A 174 6.88 -5.68 -9.96
N GLU A 175 6.37 -4.51 -10.33
CA GLU A 175 7.05 -3.70 -11.33
C GLU A 175 8.14 -2.90 -10.65
N THR A 176 9.20 -2.59 -11.38
CA THR A 176 10.32 -1.80 -10.83
C THR A 176 9.85 -0.46 -10.24
N HIS A 177 8.80 0.11 -10.81
CA HIS A 177 8.24 1.38 -10.36
C HIS A 177 7.34 1.26 -9.11
N GLU A 178 6.93 0.05 -8.77
CA GLU A 178 6.05 -0.17 -7.61
C GLU A 178 6.87 -0.24 -6.35
N VAL A 179 8.14 -0.58 -6.47
CA VAL A 179 8.93 -0.95 -5.30
C VAL A 179 10.08 -0.02 -4.92
N SER A 180 10.24 0.16 -3.62
CA SER A 180 11.34 0.90 -3.04
C SER A 180 12.68 0.30 -3.40
N ALA A 181 13.65 1.15 -3.76
CA ALA A 181 14.99 0.67 -4.08
C ALA A 181 15.67 0.10 -2.83
N LEU A 182 15.57 0.79 -1.70
CA LEU A 182 16.09 0.27 -0.43
C LEU A 182 15.54 -1.10 -0.10
N TRP A 183 14.21 -1.25 -0.18
CA TRP A 183 13.59 -2.53 0.13
C TRP A 183 14.09 -3.66 -0.79
N PHE A 184 14.07 -3.42 -2.10
CA PHE A 184 14.51 -4.46 -3.02
C PHE A 184 16.00 -4.82 -2.86
N LEU A 185 16.83 -3.83 -2.56
CA LEU A 185 18.25 -4.06 -2.29
C LEU A 185 18.44 -4.86 -0.99
N TRP A 186 17.62 -4.57 0.00
CA TRP A 186 17.59 -5.37 1.21
C TRP A 186 17.19 -6.81 0.90
N TYR A 187 16.09 -6.96 0.15
CA TYR A 187 15.49 -8.25 -0.09
C TYR A 187 16.49 -9.18 -0.78
N VAL A 188 17.23 -8.64 -1.73
CA VAL A 188 18.25 -9.40 -2.43
C VAL A 188 19.42 -9.74 -1.51
N LYS A 189 19.89 -8.74 -0.75
CA LYS A 189 21.00 -8.97 0.17
C LYS A 189 20.68 -10.00 1.27
N GLN A 190 19.44 -9.99 1.79
CA GLN A 190 19.07 -10.90 2.88
C GLN A 190 18.90 -12.34 2.39
N CYS A 191 18.83 -12.51 1.07
CA CYS A 191 18.84 -13.83 0.45
C CYS A 191 20.27 -14.31 0.15
N GLY A 192 21.29 -13.48 0.42
CA GLY A 192 22.68 -13.86 0.12
C GLY A 192 23.30 -13.21 -1.13
N GLY A 193 22.57 -12.29 -1.75
CA GLY A 193 23.07 -11.59 -2.93
C GLY A 193 22.44 -12.03 -4.26
N THR A 194 22.83 -11.35 -5.34
CA THR A 194 22.23 -11.56 -6.65
C THR A 194 22.39 -12.99 -7.15
N THR A 195 23.59 -13.53 -7.04
CA THR A 195 23.90 -14.86 -7.55
C THR A 195 23.05 -15.92 -6.85
N ARG A 196 23.07 -15.89 -5.52
CA ARG A 196 22.37 -16.85 -4.70
C ARG A 196 20.86 -16.81 -4.93
N ILE A 197 20.32 -15.63 -5.21
CA ILE A 197 18.87 -15.52 -5.36
C ILE A 197 18.42 -16.07 -6.73
N ILE A 198 19.20 -15.83 -7.77
CA ILE A 198 18.76 -16.13 -9.13
C ILE A 198 19.24 -17.50 -9.66
N SER A 199 20.19 -18.13 -8.97
CA SER A 199 20.78 -19.34 -9.52
C SER A 199 19.93 -20.57 -9.31
N THR A 200 20.05 -21.54 -10.22
CA THR A 200 19.47 -22.86 -10.01
C THR A 200 20.50 -23.66 -9.23
N THR A 201 21.55 -24.11 -9.92
CA THR A 201 22.71 -24.71 -9.25
C THR A 201 23.28 -23.67 -8.29
N ASN A 202 23.42 -24.06 -7.04
CA ASN A 202 23.96 -23.18 -5.99
C ASN A 202 23.06 -22.01 -5.51
N GLY A 203 21.81 -21.98 -5.95
CA GLY A 203 20.91 -20.90 -5.56
C GLY A 203 19.52 -21.34 -5.14
N GLY A 204 18.63 -20.37 -5.01
CA GLY A 204 17.28 -20.59 -4.49
C GLY A 204 16.42 -21.57 -5.26
N GLN A 205 16.82 -21.88 -6.49
CA GLN A 205 16.02 -22.73 -7.39
C GLN A 205 16.53 -24.15 -7.57
N GLU A 206 17.51 -24.54 -6.76
CA GLU A 206 18.20 -25.79 -6.99
C GLU A 206 17.31 -27.02 -6.86
N ARG A 207 16.41 -27.00 -5.88
CA ARG A 207 15.69 -28.21 -5.49
C ARG A 207 14.21 -28.02 -5.23
N LYS A 208 13.48 -29.13 -5.22
CA LYS A 208 12.10 -29.17 -4.74
C LYS A 208 11.93 -30.40 -3.86
N PHE A 209 10.82 -30.46 -3.13
CA PHE A 209 10.54 -31.61 -2.28
C PHE A 209 9.85 -32.71 -3.07
N VAL A 210 10.31 -33.95 -2.91
CA VAL A 210 9.61 -35.09 -3.47
C VAL A 210 8.23 -35.15 -2.81
N GLY A 211 7.18 -35.18 -3.62
CA GLY A 211 5.82 -35.19 -3.09
C GLY A 211 5.21 -33.80 -2.89
N GLY A 212 6.02 -32.75 -2.98
CA GLY A 212 5.49 -31.37 -2.86
C GLY A 212 5.75 -30.73 -1.50
N SER A 213 5.76 -29.40 -1.47
CA SER A 213 6.14 -28.66 -0.27
C SER A 213 4.98 -28.53 0.70
N GLY A 214 3.76 -28.77 0.22
CA GLY A 214 2.58 -28.77 1.06
C GLY A 214 2.63 -29.83 2.15
N GLN A 215 3.51 -30.82 1.99
CA GLN A 215 3.71 -31.87 3.00
C GLN A 215 4.31 -31.35 4.30
N VAL A 216 5.04 -30.25 4.23
CA VAL A 216 5.64 -29.68 5.44
C VAL A 216 4.56 -29.28 6.43
N SER A 217 3.62 -28.45 5.97
CA SER A 217 2.50 -28.04 6.80
C SER A 217 1.58 -29.20 7.17
N GLU A 218 1.28 -30.06 6.19
CA GLU A 218 0.40 -31.22 6.41
C GLU A 218 0.96 -32.18 7.48
N ARG A 219 2.27 -32.41 7.44
CA ARG A 219 2.92 -33.34 8.38
C ARG A 219 3.04 -32.74 9.78
N ILE A 220 3.08 -31.41 9.87
CA ILE A 220 3.04 -30.78 11.18
C ILE A 220 1.63 -30.87 11.72
N MET A 221 0.64 -30.70 10.85
CA MET A 221 -0.75 -30.94 11.24
C MET A 221 -0.96 -32.35 11.80
N ASP A 222 -0.36 -33.36 11.17
CA ASP A 222 -0.43 -34.76 11.68
C ASP A 222 0.11 -34.89 13.11
N LEU A 223 1.25 -34.27 13.39
CA LEU A 223 1.86 -34.29 14.71
C LEU A 223 1.02 -33.56 15.76
N LEU A 224 0.31 -32.51 15.36
CA LEU A 224 -0.44 -31.66 16.28
C LEU A 224 -1.87 -32.17 16.52
N GLY A 225 -2.36 -32.99 15.60
CA GLY A 225 -3.70 -33.56 15.72
C GLY A 225 -4.76 -32.47 15.74
N ASP A 226 -5.68 -32.56 16.69
CA ASP A 226 -6.87 -31.69 16.73
C ASP A 226 -6.58 -30.27 17.23
N ARG A 227 -5.31 -29.97 17.47
CA ARG A 227 -4.86 -28.63 17.85
C ARG A 227 -4.97 -27.65 16.67
N VAL A 228 -4.99 -28.17 15.46
CA VAL A 228 -5.18 -27.36 14.29
C VAL A 228 -6.66 -27.25 13.96
N LYS A 229 -7.16 -26.01 13.96
CA LYS A 229 -8.54 -25.75 13.68
C LYS A 229 -8.69 -25.12 12.31
N LEU A 230 -9.19 -25.92 11.38
CA LEU A 230 -9.45 -25.48 10.02
C LEU A 230 -10.77 -24.73 9.91
N GLU A 231 -10.83 -23.78 8.98
CA GLU A 231 -11.99 -22.91 8.74
C GLU A 231 -12.35 -22.07 9.97
N ARG A 232 -11.32 -21.56 10.62
CA ARG A 232 -11.45 -20.62 11.73
C ARG A 232 -10.75 -19.30 11.39
N PRO A 233 -11.34 -18.47 10.50
CA PRO A 233 -10.75 -17.15 10.28
C PRO A 233 -10.87 -16.32 11.55
N VAL A 234 -9.75 -15.82 12.03
CA VAL A 234 -9.72 -14.92 13.18
C VAL A 234 -10.25 -13.53 12.80
N ILE A 235 -11.23 -13.04 13.56
CA ILE A 235 -11.87 -11.75 13.29
C ILE A 235 -11.60 -10.70 14.37
N TYR A 236 -11.13 -11.13 15.53
CA TYR A 236 -11.10 -10.28 16.73
C TYR A 236 -10.09 -10.76 17.76
N ILE A 237 -9.27 -9.82 18.20
CA ILE A 237 -8.32 -10.07 19.28
C ILE A 237 -8.47 -9.01 20.39
N ASP A 238 -8.72 -9.48 21.60
CA ASP A 238 -8.92 -8.61 22.74
C ASP A 238 -7.81 -8.85 23.77
N GLN A 239 -7.06 -7.79 24.08
CA GLN A 239 -6.00 -7.83 25.09
C GLN A 239 -6.29 -6.94 26.31
N THR A 240 -7.55 -6.61 26.56
CA THR A 240 -7.91 -5.73 27.67
C THR A 240 -7.89 -6.43 29.02
N ARG A 241 -8.05 -7.75 29.01
CA ARG A 241 -8.14 -8.57 30.23
C ARG A 241 -6.87 -9.35 30.53
N GLU A 242 -6.88 -10.13 31.60
CA GLU A 242 -5.72 -10.95 32.01
C GLU A 242 -5.23 -11.87 30.92
N ASN A 243 -6.14 -12.63 30.32
CA ASN A 243 -5.83 -13.52 29.20
C ASN A 243 -6.29 -12.90 27.87
N VAL A 244 -5.56 -13.21 26.80
CA VAL A 244 -5.91 -12.74 25.47
C VAL A 244 -7.11 -13.51 24.92
N LEU A 245 -8.10 -12.79 24.42
CA LEU A 245 -9.25 -13.43 23.78
C LEU A 245 -9.16 -13.31 22.27
N VAL A 246 -9.34 -14.44 21.58
CA VAL A 246 -9.25 -14.50 20.13
C VAL A 246 -10.54 -15.11 19.63
N GLU A 247 -11.28 -14.34 18.84
CA GLU A 247 -12.53 -14.82 18.27
C GLU A 247 -12.40 -15.16 16.79
N THR A 248 -13.09 -16.23 16.39
CA THR A 248 -13.14 -16.59 14.98
C THR A 248 -14.49 -16.24 14.38
N LEU A 249 -14.55 -16.29 13.05
CA LEU A 249 -15.76 -15.94 12.28
C LEU A 249 -16.95 -16.87 12.54
N ASN A 250 -16.68 -18.14 12.84
CA ASN A 250 -17.74 -19.08 13.22
C ASN A 250 -18.08 -19.03 14.71
N HIS A 251 -17.81 -17.88 15.33
CA HIS A 251 -18.21 -17.54 16.70
C HIS A 251 -17.52 -18.29 17.85
N GLU A 252 -16.43 -18.99 17.55
CA GLU A 252 -15.68 -19.66 18.62
C GLU A 252 -14.75 -18.67 19.31
N MET A 253 -14.52 -18.89 20.59
CA MET A 253 -13.67 -18.02 21.38
C MET A 253 -12.54 -18.83 21.93
N TYR A 254 -11.33 -18.29 21.81
CA TYR A 254 -10.14 -18.91 22.37
C TYR A 254 -9.48 -17.94 23.31
N GLU A 255 -8.85 -18.51 24.33
CA GLU A 255 -8.24 -17.74 25.39
C GLU A 255 -6.82 -18.25 25.60
N ALA A 256 -5.86 -17.35 25.61
CA ALA A 256 -4.47 -17.76 25.67
C ALA A 256 -3.69 -16.78 26.51
N LYS A 257 -2.46 -17.14 26.84
CA LYS A 257 -1.56 -16.19 27.48
C LYS A 257 -0.95 -15.27 26.42
N TYR A 258 -0.65 -15.84 25.25
CA TYR A 258 0.02 -15.14 24.15
C TYR A 258 -0.53 -15.54 22.80
N VAL A 259 -0.38 -14.65 21.82
CA VAL A 259 -0.79 -14.91 20.44
C VAL A 259 0.42 -14.75 19.51
N ILE A 260 0.60 -15.70 18.59
CA ILE A 260 1.47 -15.46 17.44
C ILE A 260 0.59 -15.20 16.21
N SER A 261 0.82 -14.05 15.60
CA SER A 261 0.22 -13.74 14.30
C SER A 261 1.15 -14.23 13.20
N ALA A 262 0.78 -15.31 12.51
CA ALA A 262 1.60 -15.89 11.44
C ALA A 262 1.00 -15.71 10.04
N ILE A 263 0.58 -14.48 9.73
CA ILE A 263 -0.12 -14.16 8.49
C ILE A 263 0.59 -12.95 7.83
N PRO A 264 0.45 -12.80 6.49
CA PRO A 264 1.07 -11.64 5.83
C PRO A 264 0.63 -10.37 6.55
N PRO A 265 1.58 -9.44 6.81
CA PRO A 265 1.27 -8.26 7.62
C PRO A 265 -0.04 -7.58 7.24
N THR A 266 -0.30 -7.38 5.94
CA THR A 266 -1.53 -6.69 5.56
C THR A 266 -2.82 -7.44 5.93
N LEU A 267 -2.75 -8.77 6.05
CA LEU A 267 -3.94 -9.53 6.43
C LEU A 267 -4.31 -9.34 7.90
N GLY A 268 -3.42 -8.75 8.68
CA GLY A 268 -3.76 -8.30 10.04
C GLY A 268 -4.92 -7.30 10.01
N MET A 269 -5.13 -6.69 8.84
CA MET A 269 -6.27 -5.82 8.60
C MET A 269 -7.61 -6.55 8.77
N LYS A 270 -7.63 -7.85 8.56
CA LYS A 270 -8.88 -8.63 8.64
C LYS A 270 -9.38 -8.83 10.09
N ILE A 271 -8.54 -8.44 11.04
CA ILE A 271 -8.81 -8.63 12.46
C ILE A 271 -9.10 -7.29 13.11
N HIS A 272 -10.14 -7.24 13.93
CA HIS A 272 -10.46 -6.08 14.73
C HIS A 272 -9.75 -6.19 16.06
N PHE A 273 -9.09 -5.12 16.47
CA PHE A 273 -8.30 -5.15 17.68
C PHE A 273 -8.92 -4.27 18.76
N ASN A 274 -8.98 -4.83 19.96
CA ASN A 274 -9.30 -4.11 21.17
C ASN A 274 -8.21 -4.39 22.22
N PRO A 275 -7.50 -3.34 22.67
CA PRO A 275 -7.63 -1.95 22.22
C PRO A 275 -7.05 -1.80 20.81
N PRO A 276 -7.27 -0.65 20.15
CA PRO A 276 -6.70 -0.45 18.82
C PRO A 276 -5.18 -0.70 18.78
N LEU A 277 -4.68 -1.13 17.62
CA LEU A 277 -3.23 -1.29 17.46
C LEU A 277 -2.54 0.06 17.70
N PRO A 278 -1.29 0.04 18.19
CA PRO A 278 -0.59 1.34 18.23
C PRO A 278 -0.53 1.96 16.83
N MET A 279 -0.44 3.29 16.79
CA MET A 279 -0.51 4.06 15.56
C MET A 279 0.35 3.56 14.39
N MET A 280 1.63 3.25 14.66
CA MET A 280 2.55 2.87 13.60
C MET A 280 2.14 1.57 12.93
N ARG A 281 1.78 0.56 13.71
CA ARG A 281 1.29 -0.69 13.13
C ARG A 281 -0.03 -0.52 12.41
N ASN A 282 -0.96 0.19 13.04
CA ASN A 282 -2.23 0.49 12.41
C ASN A 282 -2.09 1.00 10.96
N GLN A 283 -1.15 1.91 10.73
CA GLN A 283 -0.93 2.45 9.41
C GLN A 283 -0.05 1.55 8.53
N MET A 284 0.89 0.84 9.14
CA MET A 284 1.82 -0.03 8.42
C MET A 284 1.06 -1.09 7.62
N ILE A 285 0.06 -1.70 8.24
CA ILE A 285 -0.67 -2.82 7.62
C ILE A 285 -1.54 -2.43 6.41
N THR A 286 -1.66 -1.13 6.14
CA THR A 286 -2.39 -0.64 4.96
C THR A 286 -1.43 -0.27 3.85
N ARG A 287 -0.13 -0.41 4.14
CA ARG A 287 0.95 0.07 3.27
C ARG A 287 1.80 -1.04 2.67
N VAL A 288 1.44 -2.30 2.91
CA VAL A 288 2.33 -3.41 2.57
C VAL A 288 1.61 -4.48 1.74
N PRO A 289 1.44 -4.21 0.44
CA PRO A 289 0.73 -5.14 -0.45
C PRO A 289 1.61 -6.32 -0.84
N LEU A 290 1.00 -7.39 -1.33
CA LEU A 290 1.77 -8.52 -1.90
C LEU A 290 1.77 -8.46 -3.42
N GLY A 291 2.72 -9.16 -4.04
CA GLY A 291 2.88 -9.18 -5.48
C GLY A 291 1.78 -9.95 -6.20
N SER A 292 1.90 -10.01 -7.53
CA SER A 292 0.91 -10.65 -8.36
C SER A 292 1.58 -11.67 -9.27
N VAL A 293 1.03 -12.87 -9.32
CA VAL A 293 1.63 -13.92 -10.12
C VAL A 293 0.60 -15.00 -10.37
N ILE A 294 0.62 -15.57 -11.58
CA ILE A 294 -0.07 -16.81 -11.86
C ILE A 294 1.04 -17.82 -12.09
N LYS A 295 0.97 -18.95 -11.39
CA LYS A 295 1.91 -20.03 -11.60
C LYS A 295 1.25 -21.01 -12.55
N CYS A 296 1.92 -21.32 -13.65
CA CYS A 296 1.35 -22.14 -14.71
C CYS A 296 2.24 -23.34 -15.05
N ILE A 297 1.63 -24.51 -15.09
CA ILE A 297 2.36 -25.72 -15.45
C ILE A 297 1.68 -26.38 -16.65
N VAL A 298 2.43 -26.51 -17.75
CA VAL A 298 1.94 -27.14 -18.97
C VAL A 298 2.59 -28.52 -19.08
N TYR A 299 1.76 -29.55 -19.22
CA TYR A 299 2.23 -30.94 -19.24
C TYR A 299 2.33 -31.48 -20.67
N TYR A 300 3.43 -32.18 -20.94
CA TYR A 300 3.67 -32.81 -22.23
C TYR A 300 3.93 -34.31 -22.09
N LYS A 301 3.82 -35.02 -23.22
CA LYS A 301 4.06 -36.46 -23.29
C LYS A 301 5.49 -36.80 -22.88
N GLU A 302 6.44 -35.98 -23.30
CA GLU A 302 7.85 -36.20 -23.06
C GLU A 302 8.55 -34.87 -22.84
N PRO A 303 9.73 -34.88 -22.16
CA PRO A 303 10.44 -33.62 -22.05
C PRO A 303 11.26 -33.40 -23.32
N PHE A 304 10.56 -33.00 -24.38
CA PHE A 304 11.12 -32.93 -25.73
C PHE A 304 12.23 -31.89 -25.83
N TRP A 305 12.19 -30.88 -24.95
CA TRP A 305 13.22 -29.83 -24.93
C TRP A 305 14.63 -30.38 -24.67
N ARG A 306 14.74 -31.41 -23.82
CA ARG A 306 16.01 -32.07 -23.48
C ARG A 306 16.69 -32.68 -24.72
N LYS A 307 15.88 -33.23 -25.62
CA LYS A 307 16.35 -33.79 -26.90
C LYS A 307 17.00 -32.75 -27.82
N LYS A 308 16.52 -31.51 -27.73
CA LYS A 308 17.09 -30.36 -28.43
C LYS A 308 18.24 -29.71 -27.66
N ASP A 309 18.59 -30.32 -26.52
CA ASP A 309 19.65 -29.87 -25.64
C ASP A 309 19.29 -28.57 -24.90
N TYR A 310 18.02 -28.43 -24.52
CA TYR A 310 17.59 -27.38 -23.61
C TYR A 310 17.14 -27.98 -22.27
N CYS A 311 17.60 -27.42 -21.14
CA CYS A 311 17.12 -27.92 -19.86
C CYS A 311 15.66 -27.59 -19.57
N GLY A 312 15.16 -26.49 -20.13
CA GLY A 312 13.78 -26.09 -19.90
C GLY A 312 13.72 -24.75 -19.19
N THR A 313 14.87 -24.28 -18.75
CA THR A 313 15.00 -22.93 -18.21
C THR A 313 15.01 -21.91 -19.34
N MET A 314 14.04 -21.01 -19.31
CA MET A 314 13.94 -19.97 -20.30
C MET A 314 13.81 -18.64 -19.57
N ILE A 315 14.68 -17.70 -19.92
CA ILE A 315 14.59 -16.31 -19.48
C ILE A 315 14.05 -15.55 -20.67
N ILE A 316 12.79 -15.14 -20.59
CA ILE A 316 12.08 -14.60 -21.75
C ILE A 316 11.72 -13.11 -21.58
N ASP A 317 12.33 -12.28 -22.41
CA ASP A 317 12.09 -10.83 -22.37
C ASP A 317 11.00 -10.40 -23.34
N GLY A 318 10.50 -9.18 -23.17
CA GLY A 318 9.49 -8.65 -24.08
C GLY A 318 8.10 -8.60 -23.48
N GLU A 319 7.39 -7.52 -23.80
CA GLU A 319 6.00 -7.29 -23.39
C GLU A 319 5.03 -8.34 -23.95
N GLU A 320 5.29 -8.80 -25.18
CA GLU A 320 4.38 -9.72 -25.87
C GLU A 320 4.31 -11.08 -25.15
N ALA A 321 5.37 -11.42 -24.43
CA ALA A 321 5.46 -12.71 -23.77
C ALA A 321 4.66 -12.80 -22.45
N PRO A 322 3.71 -13.74 -22.35
CA PRO A 322 2.97 -13.90 -21.10
C PRO A 322 3.86 -14.35 -19.95
N VAL A 323 4.81 -15.24 -20.22
CA VAL A 323 5.68 -15.83 -19.20
C VAL A 323 7.10 -15.31 -19.38
N ALA A 324 7.71 -14.75 -18.34
CA ALA A 324 9.08 -14.23 -18.44
C ALA A 324 10.17 -15.21 -17.99
N TYR A 325 9.74 -16.30 -17.34
CA TYR A 325 10.67 -17.28 -16.79
C TYR A 325 10.03 -18.64 -16.62
N THR A 326 10.76 -19.67 -17.04
CA THR A 326 10.28 -21.06 -16.92
C THR A 326 11.34 -21.96 -16.34
N LEU A 327 10.89 -23.08 -15.79
CA LEU A 327 11.78 -24.16 -15.38
C LEU A 327 11.17 -25.51 -15.73
N ASP A 328 12.03 -26.51 -15.92
CA ASP A 328 11.60 -27.89 -16.08
C ASP A 328 10.93 -28.36 -14.79
N ASP A 329 9.68 -28.80 -14.91
CA ASP A 329 8.93 -29.31 -13.77
C ASP A 329 8.63 -30.80 -13.89
N THR A 330 9.34 -31.46 -14.80
CA THR A 330 9.33 -32.93 -14.90
C THR A 330 9.66 -33.58 -13.54
N LYS A 331 9.01 -34.72 -13.26
CA LYS A 331 9.23 -35.45 -12.02
C LYS A 331 10.66 -36.04 -11.98
N PRO A 332 11.25 -36.20 -10.77
CA PRO A 332 12.63 -36.71 -10.75
C PRO A 332 12.76 -38.08 -11.44
N GLU A 333 11.64 -38.81 -11.52
CA GLU A 333 11.60 -40.13 -12.18
C GLU A 333 11.70 -40.03 -13.70
N GLY A 334 11.41 -38.85 -14.24
CA GLY A 334 11.50 -38.58 -15.68
C GLY A 334 10.17 -38.52 -16.38
N ASN A 335 9.09 -38.78 -15.63
CA ASN A 335 7.74 -38.74 -16.19
C ASN A 335 6.95 -37.49 -15.80
N TYR A 336 5.70 -37.41 -16.26
CA TYR A 336 4.88 -36.20 -16.18
C TYR A 336 5.67 -34.97 -16.64
N ALA A 337 6.23 -35.06 -17.85
CA ALA A 337 7.00 -33.97 -18.43
C ALA A 337 6.21 -32.68 -18.35
N ALA A 338 6.83 -31.63 -17.85
CA ALA A 338 6.13 -30.37 -17.58
C ALA A 338 7.03 -29.14 -17.65
N ILE A 339 6.47 -28.03 -18.08
CA ILE A 339 7.15 -26.73 -17.98
C ILE A 339 6.38 -25.83 -17.03
N MET A 340 7.09 -25.31 -16.04
CA MET A 340 6.53 -24.39 -15.06
C MET A 340 6.92 -22.99 -15.48
N GLY A 341 5.93 -22.11 -15.62
CA GLY A 341 6.19 -20.71 -15.94
C GLY A 341 5.46 -19.75 -15.01
N PHE A 342 6.10 -18.62 -14.72
CA PHE A 342 5.46 -17.55 -13.96
C PHE A 342 4.91 -16.44 -14.87
N ILE A 343 3.64 -16.11 -14.70
CA ILE A 343 3.09 -14.89 -15.27
C ILE A 343 3.17 -13.79 -14.20
N LEU A 344 4.00 -12.77 -14.45
CA LEU A 344 4.49 -11.86 -13.40
C LEU A 344 3.87 -10.44 -13.42
N ALA A 345 3.58 -9.93 -12.23
CA ALA A 345 3.18 -8.52 -12.01
C ALA A 345 2.03 -8.06 -12.90
N HIS A 346 2.24 -7.01 -13.70
CA HIS A 346 1.12 -6.49 -14.51
C HIS A 346 0.54 -7.52 -15.48
N LYS A 347 1.34 -8.50 -15.89
CA LYS A 347 0.81 -9.53 -16.80
C LYS A 347 -0.13 -10.51 -16.11
N ALA A 348 0.09 -10.74 -14.82
CA ALA A 348 -0.82 -11.54 -14.01
C ALA A 348 -2.20 -10.87 -14.01
N ARG A 349 -2.22 -9.57 -13.73
CA ARG A 349 -3.41 -8.73 -13.88
C ARG A 349 -4.02 -8.80 -15.28
N LYS A 350 -3.22 -8.47 -16.28
CA LYS A 350 -3.68 -8.42 -17.67
C LYS A 350 -4.27 -9.76 -18.12
N LEU A 351 -3.53 -10.84 -17.94
CA LEU A 351 -3.96 -12.15 -18.48
C LEU A 351 -5.04 -12.88 -17.65
N ALA A 352 -5.35 -12.39 -16.46
CA ALA A 352 -6.38 -13.00 -15.60
C ALA A 352 -7.78 -12.88 -16.24
N ARG A 353 -7.89 -11.96 -17.19
CA ARG A 353 -9.11 -11.69 -17.92
C ARG A 353 -9.43 -12.83 -18.89
N LEU A 354 -8.41 -13.54 -19.34
CA LEU A 354 -8.59 -14.66 -20.26
C LEU A 354 -9.13 -15.91 -19.57
N THR A 355 -9.61 -16.87 -20.35
CA THR A 355 -9.96 -18.17 -19.78
C THR A 355 -8.70 -19.03 -19.62
N LYS A 356 -8.83 -20.09 -18.83
CA LYS A 356 -7.79 -21.10 -18.69
C LYS A 356 -7.24 -21.56 -20.04
N GLU A 357 -8.13 -21.92 -20.97
CA GLU A 357 -7.74 -22.43 -22.30
C GLU A 357 -7.01 -21.39 -23.14
N GLU A 358 -7.46 -20.14 -23.05
CA GLU A 358 -6.81 -19.05 -23.76
C GLU A 358 -5.39 -18.77 -23.22
N ARG A 359 -5.20 -18.83 -21.90
CA ARG A 359 -3.85 -18.71 -21.33
C ARG A 359 -2.97 -19.86 -21.78
N LEU A 360 -3.50 -21.08 -21.69
CA LEU A 360 -2.78 -22.27 -22.15
C LEU A 360 -2.30 -22.11 -23.59
N LYS A 361 -3.20 -21.72 -24.47
CA LYS A 361 -2.89 -21.41 -25.86
C LYS A 361 -1.75 -20.39 -26.03
N LYS A 362 -1.79 -19.30 -25.26
CA LYS A 362 -0.73 -18.27 -25.29
C LYS A 362 0.63 -18.83 -24.84
N LEU A 363 0.61 -19.69 -23.82
CA LEU A 363 1.84 -20.26 -23.28
C LEU A 363 2.49 -21.24 -24.25
N CYS A 364 1.68 -22.09 -24.87
CA CYS A 364 2.19 -23.06 -25.84
C CYS A 364 2.81 -22.37 -27.03
N GLU A 365 2.11 -21.37 -27.58
CA GLU A 365 2.62 -20.61 -28.71
C GLU A 365 3.90 -19.89 -28.36
N LEU A 366 4.00 -19.40 -27.11
CA LEU A 366 5.25 -18.81 -26.65
C LEU A 366 6.36 -19.87 -26.58
N TYR A 367 6.06 -21.01 -25.96
CA TYR A 367 7.07 -22.07 -25.78
C TYR A 367 7.52 -22.61 -27.14
N ALA A 368 6.57 -22.74 -28.07
CA ALA A 368 6.90 -23.18 -29.42
C ALA A 368 7.94 -22.27 -30.06
N LYS A 369 7.73 -20.95 -29.98
CA LYS A 369 8.67 -20.00 -30.55
C LYS A 369 10.01 -20.08 -29.81
N VAL A 370 9.98 -20.00 -28.48
CA VAL A 370 11.22 -19.95 -27.71
C VAL A 370 12.10 -21.18 -27.87
N LEU A 371 11.48 -22.36 -27.86
CA LEU A 371 12.21 -23.65 -27.97
C LEU A 371 12.42 -24.10 -29.42
N GLY A 372 11.94 -23.29 -30.37
CA GLY A 372 11.90 -23.66 -31.79
C GLY A 372 11.25 -25.02 -32.02
N SER A 373 10.13 -25.30 -31.36
CA SER A 373 9.54 -26.65 -31.36
C SER A 373 8.03 -26.67 -31.52
N LEU A 374 7.57 -27.27 -32.60
CA LEU A 374 6.16 -27.52 -32.79
C LEU A 374 5.52 -28.42 -31.72
N GLU A 375 6.29 -29.33 -31.13
CA GLU A 375 5.78 -30.18 -30.05
C GLU A 375 5.19 -29.41 -28.85
N ALA A 376 5.70 -28.21 -28.61
CA ALA A 376 5.19 -27.32 -27.58
C ALA A 376 3.70 -27.01 -27.76
N LEU A 377 3.19 -27.25 -28.96
CA LEU A 377 1.79 -26.97 -29.27
C LEU A 377 0.86 -28.12 -28.94
N GLU A 378 1.41 -29.22 -28.38
CA GLU A 378 0.62 -30.41 -28.06
C GLU A 378 0.63 -30.74 -26.57
N PRO A 379 0.13 -29.82 -25.70
CA PRO A 379 0.07 -30.14 -24.26
C PRO A 379 -0.88 -31.29 -23.95
N VAL A 380 -0.55 -32.12 -22.94
CA VAL A 380 -1.46 -33.20 -22.51
C VAL A 380 -2.33 -32.79 -21.32
N HIS A 381 -1.90 -31.76 -20.59
CA HIS A 381 -2.58 -31.24 -19.40
C HIS A 381 -2.07 -29.84 -19.03
N TYR A 382 -2.86 -29.14 -18.22
CA TYR A 382 -2.54 -27.78 -17.79
C TYR A 382 -3.06 -27.57 -16.38
N GLU A 383 -2.21 -27.04 -15.51
CA GLU A 383 -2.65 -26.55 -14.21
C GLU A 383 -2.11 -25.14 -14.03
N GLU A 384 -2.82 -24.36 -13.22
CA GLU A 384 -2.45 -22.99 -12.96
C GLU A 384 -3.08 -22.54 -11.64
N LYS A 385 -2.43 -21.59 -10.99
CA LYS A 385 -3.01 -20.91 -9.85
C LYS A 385 -2.69 -19.43 -9.94
N ASN A 386 -3.75 -18.60 -9.96
CA ASN A 386 -3.64 -17.17 -9.77
C ASN A 386 -3.76 -16.78 -8.31
N TRP A 387 -2.64 -16.36 -7.73
CA TRP A 387 -2.58 -16.05 -6.31
C TRP A 387 -3.20 -14.69 -5.92
N CYS A 388 -3.38 -13.81 -6.91
CA CYS A 388 -4.06 -12.53 -6.69
C CYS A 388 -5.48 -12.68 -6.15
N GLU A 389 -6.07 -13.86 -6.33
CA GLU A 389 -7.47 -14.03 -5.97
C GLU A 389 -7.67 -14.59 -4.55
N GLU A 390 -6.58 -14.82 -3.82
CA GLU A 390 -6.67 -15.46 -2.51
C GLU A 390 -6.93 -14.45 -1.39
N GLN A 391 -8.14 -14.49 -0.84
CA GLN A 391 -8.56 -13.65 0.29
C GLN A 391 -7.57 -13.77 1.48
N TYR A 392 -7.06 -14.98 1.68
CA TYR A 392 -6.23 -15.28 2.84
C TYR A 392 -4.74 -15.37 2.54
N SER A 393 -4.37 -14.92 1.34
CA SER A 393 -2.96 -14.70 0.97
C SER A 393 -2.72 -13.24 0.57
N GLY A 394 -3.57 -12.72 -0.29
CA GLY A 394 -3.48 -11.33 -0.81
C GLY A 394 -2.62 -11.17 -2.05
N GLY A 395 -1.83 -12.20 -2.35
CA GLY A 395 -0.95 -12.25 -3.52
C GLY A 395 0.19 -13.23 -3.28
N CYS A 396 1.22 -13.16 -4.13
CA CYS A 396 2.42 -13.99 -4.01
C CYS A 396 3.53 -13.31 -4.80
N TYR A 397 4.81 -13.55 -4.48
CA TYR A 397 5.23 -14.50 -3.44
C TYR A 397 5.09 -13.92 -2.06
N THR A 398 5.30 -12.61 -1.97
CA THR A 398 5.43 -11.98 -0.67
C THR A 398 5.07 -10.51 -0.72
N THR A 399 5.26 -9.88 0.44
CA THR A 399 5.01 -8.49 0.68
C THR A 399 6.15 -7.67 0.11
N TYR A 400 5.79 -6.66 -0.68
CA TYR A 400 6.78 -5.66 -1.06
C TYR A 400 6.47 -4.30 -0.39
N PHE A 401 7.52 -3.48 -0.28
CA PHE A 401 7.37 -2.16 0.27
C PHE A 401 7.47 -1.12 -0.84
N PRO A 402 6.43 -0.32 -1.04
CA PRO A 402 6.54 0.86 -1.94
C PRO A 402 7.52 1.90 -1.37
N PRO A 403 7.93 2.89 -2.19
CA PRO A 403 8.83 3.95 -1.70
C PRO A 403 8.32 4.63 -0.45
N GLY A 404 9.23 4.92 0.48
CA GLY A 404 8.90 5.67 1.68
C GLY A 404 8.56 4.85 2.90
N ILE A 405 8.17 3.59 2.70
CA ILE A 405 7.51 2.83 3.74
C ILE A 405 8.47 2.13 4.71
N LEU A 406 9.50 1.47 4.16
CA LEU A 406 10.46 0.73 4.97
C LEU A 406 11.20 1.59 6.00
N THR A 407 11.57 2.82 5.62
CA THR A 407 12.23 3.69 6.60
C THR A 407 11.27 4.25 7.63
N GLN A 408 10.00 4.42 7.26
CA GLN A 408 9.02 5.00 8.17
C GLN A 408 8.35 3.97 9.08
N TYR A 409 8.10 2.76 8.56
CA TYR A 409 7.28 1.78 9.29
C TYR A 409 7.96 0.43 9.49
N GLY A 410 9.16 0.26 8.91
CA GLY A 410 9.86 -1.03 8.90
C GLY A 410 10.14 -1.59 10.29
N ARG A 411 10.49 -0.72 11.23
CA ARG A 411 10.87 -1.17 12.58
C ARG A 411 9.72 -1.77 13.42
N VAL A 412 8.49 -1.67 12.88
CA VAL A 412 7.25 -2.13 13.52
C VAL A 412 6.91 -3.59 13.18
N LEU A 413 7.42 -4.09 12.05
CA LEU A 413 7.05 -5.41 11.53
C LEU A 413 7.03 -6.56 12.52
N ARG A 414 8.08 -6.69 13.34
CA ARG A 414 8.12 -7.75 14.34
C ARG A 414 8.11 -7.27 15.80
N GLN A 415 7.79 -6.01 15.99
CA GLN A 415 7.66 -5.43 17.33
C GLN A 415 6.37 -5.96 17.98
N PRO A 416 6.50 -6.67 19.12
CA PRO A 416 5.32 -7.17 19.84
C PRO A 416 4.31 -6.07 20.16
N VAL A 417 3.02 -6.42 20.07
CA VAL A 417 1.94 -5.56 20.52
C VAL A 417 1.34 -6.19 21.77
N ASP A 418 1.85 -5.76 22.92
CA ASP A 418 1.51 -6.35 24.23
C ASP A 418 1.85 -7.86 24.24
N ARG A 419 0.86 -8.71 24.01
CA ARG A 419 1.07 -10.14 24.05
C ARG A 419 0.91 -10.81 22.68
N ILE A 420 0.87 -9.99 21.62
CA ILE A 420 0.90 -10.49 20.23
C ILE A 420 2.31 -10.39 19.69
N TYR A 421 2.84 -11.54 19.27
CA TYR A 421 4.16 -11.65 18.67
C TYR A 421 3.95 -11.99 17.19
N PHE A 422 4.88 -11.57 16.35
CA PHE A 422 4.68 -11.64 14.90
C PHE A 422 5.64 -12.58 14.18
N ALA A 423 5.07 -13.51 13.45
CA ALA A 423 5.84 -14.43 12.65
C ALA A 423 5.49 -14.13 11.21
N GLY A 424 5.50 -15.15 10.35
CA GLY A 424 5.30 -14.99 8.92
C GLY A 424 6.63 -14.65 8.25
N THR A 425 6.86 -15.17 7.05
CA THR A 425 8.12 -14.97 6.35
C THR A 425 8.54 -13.48 6.22
N GLU A 426 7.57 -12.59 6.19
CA GLU A 426 7.88 -11.15 6.08
C GLU A 426 8.71 -10.56 7.22
N THR A 427 8.76 -11.26 8.37
CA THR A 427 9.49 -10.79 9.55
C THR A 427 10.86 -11.45 9.72
N ALA A 428 11.24 -12.29 8.76
CA ALA A 428 12.54 -12.94 8.76
C ALA A 428 13.68 -11.99 8.38
N THR A 429 14.91 -12.40 8.69
CA THR A 429 16.10 -11.62 8.42
C THR A 429 17.01 -12.34 7.41
N HIS A 430 16.59 -13.54 6.98
CA HIS A 430 17.37 -14.35 6.04
C HIS A 430 16.36 -15.16 5.23
N TRP A 431 16.34 -14.96 3.91
CA TRP A 431 15.33 -15.54 3.02
C TRP A 431 13.89 -15.18 3.41
N SER A 432 13.69 -13.98 3.94
CA SER A 432 12.37 -13.38 4.04
C SER A 432 11.70 -13.48 2.68
N GLY A 433 10.41 -13.85 2.68
CA GLY A 433 9.67 -14.05 1.44
C GLY A 433 9.59 -15.50 1.00
N TYR A 434 10.47 -16.32 1.56
CA TYR A 434 10.56 -17.75 1.21
C TYR A 434 10.08 -18.66 2.33
N MET A 435 9.90 -19.93 2.01
CA MET A 435 9.65 -20.97 3.03
C MET A 435 10.69 -20.97 4.16
N GLU A 436 11.96 -20.78 3.81
CA GLU A 436 13.05 -20.62 4.77
C GLU A 436 12.77 -19.54 5.80
N GLY A 437 12.38 -18.35 5.33
CA GLY A 437 12.06 -17.25 6.24
C GLY A 437 10.85 -17.52 7.12
N ALA A 438 9.89 -18.30 6.61
CA ALA A 438 8.72 -18.65 7.41
C ALA A 438 9.13 -19.43 8.67
N VAL A 439 10.04 -20.39 8.48
CA VAL A 439 10.51 -21.23 9.58
C VAL A 439 11.27 -20.38 10.58
N GLU A 440 12.20 -19.56 10.07
CA GLU A 440 12.97 -18.65 10.91
C GLU A 440 12.06 -17.77 11.76
N ALA A 441 11.10 -17.10 11.12
CA ALA A 441 10.19 -16.20 11.84
C ALA A 441 9.24 -16.91 12.82
N GLY A 442 8.77 -18.09 12.43
CA GLY A 442 7.88 -18.89 13.27
C GLY A 442 8.59 -19.35 14.53
N GLU A 443 9.77 -19.95 14.35
CA GLU A 443 10.60 -20.39 15.47
C GLU A 443 11.11 -19.24 16.36
N ARG A 444 11.50 -18.12 15.76
CA ARG A 444 11.92 -16.97 16.57
C ARG A 444 10.77 -16.37 17.41
N ALA A 445 9.58 -16.28 16.83
CA ALA A 445 8.41 -15.75 17.54
C ALA A 445 8.00 -16.65 18.70
N ALA A 446 8.02 -17.97 18.45
CA ALA A 446 7.81 -18.95 19.51
C ALA A 446 8.82 -18.77 20.65
N ARG A 447 10.07 -18.54 20.32
CA ARG A 447 11.10 -18.34 21.34
C ARG A 447 10.99 -16.99 22.03
N GLU A 448 10.50 -15.96 21.34
CA GLU A 448 10.18 -14.70 22.04
C GLU A 448 9.19 -14.97 23.18
N ILE A 449 8.21 -15.83 22.94
CA ILE A 449 7.22 -16.21 23.95
C ILE A 449 7.82 -17.11 25.04
N LEU A 450 8.73 -17.99 24.66
CA LEU A 450 9.41 -18.81 25.65
C LEU A 450 10.21 -17.92 26.61
N HIS A 451 10.81 -16.85 26.08
CA HIS A 451 11.54 -15.89 26.90
C HIS A 451 10.60 -15.10 27.81
N ALA A 452 9.49 -14.61 27.25
CA ALA A 452 8.48 -13.87 28.02
C ALA A 452 7.97 -14.67 29.23
N MET A 453 7.97 -15.99 29.09
CA MET A 453 7.50 -16.92 30.11
C MET A 453 8.59 -17.35 31.10
N GLY A 454 9.81 -16.85 30.90
CA GLY A 454 10.96 -17.19 31.71
C GLY A 454 11.55 -18.58 31.48
N LYS A 455 11.15 -19.24 30.39
CA LYS A 455 11.61 -20.61 30.10
C LYS A 455 12.96 -20.69 29.35
N ILE A 456 13.41 -19.59 28.76
CA ILE A 456 14.73 -19.53 28.10
C ILE A 456 15.39 -18.17 28.32
N PRO A 457 16.73 -18.10 28.24
CA PRO A 457 17.36 -16.76 28.28
C PRO A 457 17.17 -15.96 26.98
N GLU A 458 17.31 -14.64 27.07
CA GLU A 458 17.15 -13.74 25.91
C GLU A 458 18.10 -14.12 24.77
N ASP A 459 19.25 -14.66 25.15
CA ASP A 459 20.32 -15.05 24.24
C ASP A 459 19.89 -16.19 23.31
N GLU A 460 18.73 -16.77 23.58
CA GLU A 460 18.28 -17.93 22.82
C GLU A 460 17.08 -17.66 21.95
N ILE A 461 16.62 -16.41 21.93
CA ILE A 461 15.54 -15.99 21.02
C ILE A 461 15.96 -16.16 19.55
N TRP A 462 17.14 -15.64 19.21
CA TRP A 462 17.67 -15.69 17.85
C TRP A 462 18.76 -16.75 17.72
N GLN A 463 18.44 -17.84 17.03
CA GLN A 463 19.35 -18.97 16.90
C GLN A 463 19.83 -19.24 15.48
N SER A 464 21.13 -19.41 15.33
CA SER A 464 21.75 -19.81 14.07
C SER A 464 21.42 -21.28 13.73
N GLU A 465 21.47 -21.60 12.44
CA GLU A 465 21.16 -22.96 11.99
C GLU A 465 22.41 -23.65 11.46
N PRO A 466 22.68 -24.89 11.93
CA PRO A 466 23.75 -25.69 11.33
C PRO A 466 23.47 -25.86 9.83
N GLU A 467 24.53 -25.87 9.03
CA GLU A 467 24.41 -26.06 7.60
C GLU A 467 23.94 -27.47 7.25
N SER A 468 23.01 -27.58 6.29
CA SER A 468 22.59 -28.88 5.77
C SER A 468 23.80 -29.67 5.23
N VAL A 469 23.90 -30.95 5.63
CA VAL A 469 24.90 -31.85 5.05
C VAL A 469 24.42 -32.45 3.72
N ASP A 470 23.12 -32.36 3.44
CA ASP A 470 22.51 -32.87 2.22
C ASP A 470 22.54 -31.87 1.06
N VAL A 471 22.42 -30.58 1.38
CA VAL A 471 22.51 -29.49 0.39
C VAL A 471 23.54 -28.46 0.81
N PRO A 472 24.83 -28.75 0.60
CA PRO A 472 25.87 -27.84 1.06
C PRO A 472 25.98 -26.61 0.14
N ALA A 473 26.33 -25.45 0.71
CA ALA A 473 26.43 -24.23 -0.07
C ALA A 473 27.86 -23.95 -0.54
N GLN A 474 28.02 -23.77 -1.86
CA GLN A 474 29.24 -23.30 -2.48
C GLN A 474 29.27 -21.82 -2.27
N PRO A 475 30.46 -21.25 -1.99
CA PRO A 475 30.51 -19.81 -1.77
C PRO A 475 30.27 -19.05 -3.07
N ILE A 476 29.81 -17.81 -2.97
CA ILE A 476 29.62 -16.95 -4.13
C ILE A 476 30.94 -16.25 -4.43
N THR A 477 31.53 -16.54 -5.59
CA THR A 477 32.85 -15.98 -5.92
C THR A 477 32.83 -14.97 -7.05
N THR A 478 33.76 -14.02 -6.98
CA THR A 478 34.05 -13.14 -8.10
C THR A 478 35.47 -13.35 -8.61
N THR A 479 35.69 -12.97 -9.88
CA THR A 479 37.04 -12.95 -10.44
C THR A 479 37.59 -11.53 -10.37
N PHE A 480 38.90 -11.40 -10.53
CA PHE A 480 39.60 -10.11 -10.51
C PHE A 480 39.01 -9.06 -11.47
N LEU A 481 38.78 -9.47 -12.71
CA LEU A 481 38.18 -8.58 -13.71
C LEU A 481 36.77 -8.14 -13.32
N GLU A 482 36.00 -9.05 -12.72
CA GLU A 482 34.63 -8.75 -12.25
C GLU A 482 34.62 -7.69 -11.15
N ARG A 483 35.59 -7.76 -10.24
CA ARG A 483 35.75 -6.78 -9.16
C ARG A 483 36.21 -5.40 -9.62
N HIS A 484 37.14 -5.35 -10.57
CA HIS A 484 37.86 -4.11 -10.86
C HIS A 484 37.58 -3.49 -12.25
N LEU A 485 36.90 -4.22 -13.13
CA LEU A 485 36.51 -3.63 -14.41
C LEU A 485 35.67 -2.38 -14.12
N PRO A 486 35.87 -1.33 -14.91
CA PRO A 486 35.15 -0.08 -14.64
C PRO A 486 33.71 -0.12 -15.09
N SER A 487 32.88 0.74 -14.48
CA SER A 487 31.54 0.98 -14.99
C SER A 487 31.62 1.67 -16.37
N VAL A 488 30.48 1.85 -17.02
CA VAL A 488 30.47 2.63 -18.27
C VAL A 488 30.90 4.09 -18.03
N PRO A 489 30.29 4.79 -17.04
CA PRO A 489 30.81 6.16 -16.77
C PRO A 489 32.25 6.16 -16.23
N GLY A 490 32.65 5.08 -15.56
CA GLY A 490 34.04 4.91 -15.10
C GLY A 490 35.01 4.83 -16.25
N LEU A 491 34.61 4.16 -17.33
CA LEU A 491 35.40 4.09 -18.55
C LEU A 491 35.46 5.46 -19.25
N LEU A 492 34.34 6.18 -19.27
CA LEU A 492 34.28 7.52 -19.85
C LEU A 492 35.16 8.51 -19.10
N ARG A 493 35.25 8.35 -17.78
CA ARG A 493 36.09 9.20 -16.93
C ARG A 493 37.57 8.91 -17.20
N LEU A 494 37.87 7.65 -17.49
CA LEU A 494 39.21 7.23 -17.88
C LEU A 494 39.62 7.81 -19.24
N ILE A 495 38.67 7.83 -20.18
CA ILE A 495 38.87 8.38 -21.54
C ILE A 495 39.15 9.89 -21.55
N GLY A 496 38.34 10.66 -20.83
CA GLY A 496 38.51 12.12 -20.75
C GLY A 496 39.72 12.57 -19.95
N LEU A 497 40.34 11.65 -19.22
CA LEU A 497 41.50 11.91 -18.38
C LEU A 497 42.80 11.78 -19.17
N THR A 498 42.86 10.75 -20.03
CA THR A 498 43.98 10.52 -20.95
C THR A 498 44.01 11.59 -22.04
N THR A 499 42.84 11.88 -22.61
CA THR A 499 42.69 12.92 -23.63
C THR A 499 42.50 14.31 -23.00
N ILE A 500 43.39 14.64 -22.06
CA ILE A 500 43.42 15.95 -21.40
C ILE A 500 44.86 16.34 -21.05
N ASN B 2 -32.70 -7.04 11.96
CA ASN B 2 -32.62 -8.12 10.93
C ASN B 2 -32.91 -7.57 9.52
N LYS B 3 -34.17 -7.30 9.17
CA LYS B 3 -34.52 -7.09 7.76
C LYS B 3 -34.75 -5.65 7.33
N CYS B 4 -34.23 -5.32 6.13
CA CYS B 4 -34.33 -3.98 5.56
C CYS B 4 -34.06 -4.04 4.06
N ASP B 5 -34.24 -2.94 3.35
CA ASP B 5 -33.96 -2.87 1.91
C ASP B 5 -32.46 -2.70 1.61
N VAL B 6 -31.81 -1.81 2.36
CA VAL B 6 -30.39 -1.53 2.14
C VAL B 6 -29.62 -1.38 3.44
N VAL B 7 -28.50 -2.07 3.53
CA VAL B 7 -27.54 -1.83 4.59
C VAL B 7 -26.46 -0.88 4.05
N VAL B 8 -26.24 0.20 4.77
CA VAL B 8 -25.12 1.08 4.51
C VAL B 8 -24.06 0.81 5.58
N VAL B 9 -22.85 0.46 5.14
CA VAL B 9 -21.72 0.25 6.04
C VAL B 9 -20.92 1.55 6.15
N GLY B 10 -20.99 2.18 7.33
CA GLY B 10 -20.21 3.38 7.58
C GLY B 10 -21.15 4.54 7.73
N GLY B 11 -20.99 5.27 8.83
CA GLY B 11 -21.82 6.43 9.12
C GLY B 11 -21.06 7.74 9.05
N GLY B 12 -20.14 7.86 8.10
CA GLY B 12 -19.48 9.12 7.83
C GLY B 12 -20.42 9.91 6.94
N ILE B 13 -19.97 11.07 6.47
CA ILE B 13 -20.79 11.87 5.56
C ILE B 13 -21.30 11.08 4.34
N SER B 14 -20.46 10.21 3.78
CA SER B 14 -20.87 9.47 2.59
C SER B 14 -22.01 8.49 2.84
N GLY B 15 -21.87 7.69 3.90
CA GLY B 15 -22.89 6.72 4.27
C GLY B 15 -24.21 7.35 4.67
N MET B 16 -24.13 8.40 5.50
CA MET B 16 -25.30 9.16 5.92
C MET B 16 -26.01 9.81 4.73
N ALA B 17 -25.24 10.38 3.80
CA ALA B 17 -25.83 11.00 2.60
C ALA B 17 -26.55 9.97 1.72
N ALA B 18 -25.93 8.79 1.56
CA ALA B 18 -26.57 7.68 0.86
C ALA B 18 -27.84 7.26 1.61
N ALA B 19 -27.74 7.09 2.93
CA ALA B 19 -28.87 6.62 3.73
C ALA B 19 -30.03 7.63 3.73
N LYS B 20 -29.72 8.91 3.88
CA LYS B 20 -30.76 9.94 3.78
C LYS B 20 -31.52 9.86 2.45
N LEU B 21 -30.78 9.75 1.34
CA LEU B 21 -31.41 9.73 0.02
C LEU B 21 -32.36 8.54 -0.15
N LEU B 22 -31.89 7.34 0.21
CA LEU B 22 -32.68 6.13 0.13
C LEU B 22 -33.90 6.20 1.07
N HIS B 23 -33.70 6.77 2.26
CA HIS B 23 -34.76 6.96 3.24
C HIS B 23 -35.79 7.91 2.65
N ASP B 24 -35.31 9.01 2.08
CA ASP B 24 -36.20 9.96 1.40
C ASP B 24 -36.99 9.33 0.24
N SER B 25 -36.45 8.27 -0.39
CA SER B 25 -37.16 7.54 -1.47
C SER B 25 -38.17 6.50 -0.99
N GLY B 26 -38.32 6.36 0.33
CA GLY B 26 -39.22 5.36 0.90
C GLY B 26 -38.64 3.99 1.21
N LEU B 27 -37.33 3.80 1.05
CA LEU B 27 -36.71 2.52 1.36
C LEU B 27 -36.36 2.38 2.84
N ASN B 28 -36.36 1.14 3.30
CA ASN B 28 -35.93 0.86 4.67
C ASN B 28 -34.42 0.67 4.72
N VAL B 29 -33.74 1.56 5.43
CA VAL B 29 -32.29 1.54 5.46
C VAL B 29 -31.82 1.37 6.88
N VAL B 30 -30.67 0.73 7.00
CA VAL B 30 -29.97 0.63 8.25
C VAL B 30 -28.54 1.08 7.98
N VAL B 31 -28.00 1.84 8.92
CA VAL B 31 -26.63 2.29 8.82
C VAL B 31 -25.86 1.55 9.91
N LEU B 32 -24.83 0.82 9.51
CA LEU B 32 -24.00 0.12 10.48
C LEU B 32 -22.67 0.86 10.66
N GLU B 33 -22.46 1.35 11.87
CA GLU B 33 -21.34 2.21 12.20
C GLU B 33 -20.46 1.55 13.30
N ALA B 34 -19.17 1.42 12.99
CA ALA B 34 -18.18 0.78 13.86
C ALA B 34 -17.91 1.52 15.17
N ARG B 35 -17.90 2.85 15.12
CA ARG B 35 -17.58 3.69 16.30
C ARG B 35 -18.80 3.98 17.17
N ASP B 36 -18.56 4.49 18.37
CA ASP B 36 -19.63 4.95 19.25
C ASP B 36 -20.15 6.32 18.87
N ARG B 37 -19.81 6.76 17.65
CA ARG B 37 -20.23 8.04 17.10
C ARG B 37 -20.38 7.97 15.58
N VAL B 38 -21.03 8.97 14.99
CA VAL B 38 -21.07 9.13 13.53
C VAL B 38 -20.09 10.25 13.11
N GLY B 39 -19.79 10.35 11.81
CA GLY B 39 -18.96 11.44 11.31
C GLY B 39 -17.64 11.04 10.66
N GLY B 40 -17.10 9.89 11.09
CA GLY B 40 -15.85 9.38 10.58
C GLY B 40 -14.67 10.34 10.68
N ARG B 41 -14.17 10.73 9.50
CA ARG B 41 -13.06 11.66 9.39
C ARG B 41 -13.47 13.10 9.68
N THR B 42 -14.76 13.32 9.96
CA THR B 42 -15.19 14.56 10.59
C THR B 42 -15.47 14.26 12.03
N TYR B 43 -15.00 15.13 12.92
CA TYR B 43 -15.23 14.98 14.35
C TYR B 43 -15.26 16.37 15.00
N THR B 44 -16.42 16.77 15.51
CA THR B 44 -16.53 18.03 16.26
C THR B 44 -16.58 17.79 17.77
N LEU B 45 -15.55 18.27 18.47
CA LEU B 45 -15.48 18.17 19.93
C LEU B 45 -16.02 19.46 20.59
N ARG B 46 -16.87 19.28 21.60
CA ARG B 46 -17.42 20.39 22.40
C ARG B 46 -16.95 20.35 23.86
N ASN B 47 -16.49 21.48 24.35
CA ASN B 47 -16.26 21.73 25.79
C ASN B 47 -16.28 23.23 25.97
N GLN B 48 -16.26 23.70 27.22
CA GLN B 48 -16.42 25.13 27.45
C GLN B 48 -15.17 25.93 27.11
N LYS B 49 -14.03 25.25 27.06
CA LYS B 49 -12.80 25.93 26.67
C LYS B 49 -12.76 26.31 25.19
N VAL B 50 -13.34 25.45 24.34
CA VAL B 50 -13.30 25.68 22.89
C VAL B 50 -14.65 26.08 22.31
N LYS B 51 -15.70 25.92 23.12
CA LYS B 51 -17.10 25.83 22.68
C LYS B 51 -17.32 24.64 21.75
N TYR B 52 -16.76 24.72 20.53
CA TYR B 52 -16.78 23.60 19.60
C TYR B 52 -15.51 23.68 18.75
N VAL B 53 -14.96 22.53 18.39
CA VAL B 53 -13.80 22.51 17.49
C VAL B 53 -13.80 21.31 16.53
N ASP B 54 -13.57 21.60 15.25
CA ASP B 54 -13.36 20.54 14.28
C ASP B 54 -11.97 19.94 14.41
N LEU B 55 -11.92 18.65 14.75
CA LEU B 55 -10.65 17.93 14.86
C LEU B 55 -10.32 17.14 13.60
N GLY B 56 -11.31 17.00 12.72
CA GLY B 56 -11.08 16.40 11.41
C GLY B 56 -11.48 17.39 10.32
N GLY B 57 -12.12 16.88 9.27
CA GLY B 57 -12.55 17.71 8.15
C GLY B 57 -13.40 18.89 8.58
N SER B 58 -13.19 20.03 7.96
CA SER B 58 -13.68 21.29 8.48
C SER B 58 -14.06 22.34 7.41
N TYR B 59 -13.18 22.48 6.42
CA TYR B 59 -13.26 23.55 5.42
C TYR B 59 -14.15 23.17 4.23
N VAL B 60 -14.93 24.16 3.79
CA VAL B 60 -15.70 24.06 2.56
C VAL B 60 -15.53 25.36 1.79
N GLY B 61 -15.84 25.32 0.51
CA GLY B 61 -15.69 26.50 -0.32
C GLY B 61 -16.44 26.40 -1.62
N PRO B 62 -16.32 27.42 -2.46
CA PRO B 62 -17.05 27.48 -3.72
C PRO B 62 -16.78 26.27 -4.61
N THR B 63 -17.81 25.87 -5.37
CA THR B 63 -17.85 24.69 -6.25
C THR B 63 -18.14 23.40 -5.50
N GLN B 64 -18.14 23.47 -4.17
CA GLN B 64 -18.50 22.31 -3.35
C GLN B 64 -20.00 22.37 -3.06
N ASN B 65 -20.79 22.31 -4.12
CA ASN B 65 -22.22 22.62 -4.05
C ASN B 65 -23.09 21.55 -3.38
N ARG B 66 -22.64 20.30 -3.41
CA ARG B 66 -23.36 19.21 -2.76
C ARG B 66 -23.35 19.30 -1.23
N ILE B 67 -22.15 19.42 -0.66
CA ILE B 67 -22.00 19.53 0.80
C ILE B 67 -22.71 20.78 1.30
N LEU B 68 -22.62 21.87 0.53
CA LEU B 68 -23.29 23.12 0.89
C LEU B 68 -24.82 22.98 0.85
N ARG B 69 -25.35 22.32 -0.16
CA ARG B 69 -26.80 22.06 -0.24
C ARG B 69 -27.29 21.14 0.90
N LEU B 70 -26.61 20.02 1.12
CA LEU B 70 -26.96 19.08 2.17
C LEU B 70 -26.91 19.74 3.55
N ALA B 71 -25.86 20.52 3.80
CA ALA B 71 -25.71 21.20 5.08
C ALA B 71 -26.82 22.23 5.28
N LYS B 72 -27.13 23.00 4.24
CA LYS B 72 -28.21 23.98 4.30
C LYS B 72 -29.56 23.31 4.62
N GLU B 73 -29.85 22.17 3.99
CA GLU B 73 -31.07 21.42 4.26
C GLU B 73 -31.14 20.94 5.71
N LEU B 74 -29.99 20.68 6.30
CA LEU B 74 -29.92 20.28 7.71
C LEU B 74 -29.94 21.45 8.69
N GLY B 75 -30.04 22.67 8.18
CA GLY B 75 -30.13 23.88 9.01
C GLY B 75 -28.78 24.42 9.44
N LEU B 76 -27.73 24.12 8.67
CA LEU B 76 -26.39 24.62 8.94
C LEU B 76 -26.08 25.93 8.20
N GLU B 77 -25.19 26.72 8.80
CA GLU B 77 -24.74 27.99 8.26
C GLU B 77 -23.22 27.92 8.14
N THR B 78 -22.66 28.69 7.21
CA THR B 78 -21.20 28.81 7.12
C THR B 78 -20.75 30.19 7.56
N TYR B 79 -19.46 30.29 7.85
CA TYR B 79 -18.80 31.57 8.04
C TYR B 79 -17.46 31.53 7.32
N LYS B 80 -16.91 32.70 7.04
CA LYS B 80 -15.67 32.82 6.28
C LYS B 80 -14.44 32.72 7.18
N VAL B 81 -13.47 31.91 6.76
CA VAL B 81 -12.16 31.82 7.42
C VAL B 81 -11.45 33.17 7.31
N ASN B 82 -10.87 33.64 8.42
CA ASN B 82 -10.19 34.95 8.41
C ASN B 82 -8.97 35.02 7.50
N GLU B 83 -9.06 35.84 6.46
CA GLU B 83 -7.97 36.10 5.53
C GLU B 83 -7.87 37.61 5.24
N VAL B 84 -8.44 38.44 6.12
CA VAL B 84 -8.43 39.90 5.94
C VAL B 84 -6.99 40.49 5.91
N GLU B 85 -6.15 40.11 6.87
CA GLU B 85 -4.80 40.66 6.98
C GLU B 85 -3.78 39.86 6.16
N ARG B 86 -2.49 40.09 6.40
CA ARG B 86 -1.45 39.50 5.55
C ARG B 86 -1.16 38.04 5.91
N LEU B 87 -0.97 37.23 4.88
CA LEU B 87 -0.42 35.88 5.02
C LEU B 87 1.07 35.96 5.27
N ILE B 88 1.67 34.89 5.80
CA ILE B 88 3.13 34.85 6.03
C ILE B 88 3.78 33.66 5.31
N HIS B 89 4.86 33.92 4.59
CA HIS B 89 5.73 32.84 4.13
C HIS B 89 7.00 32.87 4.96
N HIS B 90 7.24 31.79 5.70
CA HIS B 90 8.45 31.69 6.51
C HIS B 90 9.48 30.81 5.81
N VAL B 91 10.61 31.43 5.45
CA VAL B 91 11.62 30.84 4.58
C VAL B 91 12.99 31.13 5.17
N LYS B 92 13.78 30.07 5.34
CA LYS B 92 15.14 30.16 5.89
C LYS B 92 15.19 31.05 7.13
N GLY B 93 14.31 30.75 8.09
CA GLY B 93 14.31 31.38 9.41
C GLY B 93 13.81 32.81 9.43
N LYS B 94 13.07 33.21 8.40
CA LYS B 94 12.58 34.58 8.31
C LYS B 94 11.16 34.65 7.72
N SER B 95 10.34 35.52 8.30
CA SER B 95 8.96 35.73 7.87
C SER B 95 8.81 36.80 6.78
N TYR B 96 8.08 36.47 5.72
CA TYR B 96 7.80 37.41 4.65
C TYR B 96 6.29 37.57 4.50
N PRO B 97 5.73 38.64 5.08
CA PRO B 97 4.30 38.84 4.95
C PRO B 97 3.92 39.21 3.53
N PHE B 98 2.77 38.75 3.09
CA PHE B 98 2.28 39.06 1.76
C PHE B 98 0.76 39.14 1.74
N ARG B 99 0.27 40.04 0.89
CA ARG B 99 -1.15 40.15 0.63
C ARG B 99 -1.44 39.14 -0.48
N GLY B 100 -2.69 39.07 -0.95
CA GLY B 100 -3.02 38.25 -2.11
C GLY B 100 -2.92 36.77 -1.77
N PRO B 101 -3.29 35.90 -2.72
CA PRO B 101 -3.31 34.48 -2.40
C PRO B 101 -1.94 33.83 -2.26
N PHE B 102 -1.01 34.12 -3.17
CA PHE B 102 0.21 33.33 -3.31
C PHE B 102 1.47 34.08 -2.92
N PRO B 103 2.46 33.35 -2.36
CA PRO B 103 3.68 33.98 -1.86
C PRO B 103 4.52 34.53 -3.01
N PRO B 104 4.93 35.81 -2.92
CA PRO B 104 5.64 36.42 -4.04
C PRO B 104 7.07 35.90 -4.14
N VAL B 105 7.62 35.93 -5.34
CA VAL B 105 8.98 35.48 -5.62
C VAL B 105 9.68 36.60 -6.36
N TRP B 106 10.86 37.00 -5.87
CA TRP B 106 11.55 38.20 -6.36
C TRP B 106 12.71 37.94 -7.34
N ASN B 107 13.52 36.92 -7.06
CA ASN B 107 14.56 36.47 -7.99
C ASN B 107 13.93 36.09 -9.35
N PRO B 108 14.52 36.55 -10.48
CA PRO B 108 13.88 36.37 -11.80
C PRO B 108 13.90 34.93 -12.32
N ILE B 109 15.00 34.22 -12.08
CA ILE B 109 15.08 32.80 -12.44
C ILE B 109 14.04 32.01 -11.63
N THR B 110 14.06 32.23 -10.32
CA THR B 110 13.13 31.58 -9.39
C THR B 110 11.68 31.88 -9.77
N TYR B 111 11.38 33.13 -10.13
CA TYR B 111 10.03 33.50 -10.56
C TYR B 111 9.57 32.61 -11.73
N LEU B 112 10.40 32.47 -12.75
CA LEU B 112 10.07 31.70 -13.95
C LEU B 112 9.84 30.24 -13.60
N ASP B 113 10.70 29.72 -12.72
CA ASP B 113 10.58 28.36 -12.21
C ASP B 113 9.27 28.09 -11.45
N HIS B 114 8.89 29.00 -10.54
CA HIS B 114 7.63 28.87 -9.79
C HIS B 114 6.44 28.98 -10.71
N ASN B 115 6.46 29.96 -11.60
CA ASN B 115 5.37 30.16 -12.54
C ASN B 115 5.17 28.95 -13.45
N ASN B 116 6.26 28.40 -13.95
CA ASN B 116 6.19 27.23 -14.83
C ASN B 116 5.68 25.99 -14.11
N PHE B 117 5.98 25.90 -12.82
CA PHE B 117 5.56 24.73 -12.08
C PHE B 117 4.03 24.63 -11.98
N TRP B 118 3.39 25.70 -11.51
CA TRP B 118 1.93 25.69 -11.33
C TRP B 118 1.21 25.56 -12.65
N ARG B 119 1.74 26.18 -13.69
CA ARG B 119 1.16 26.12 -15.01
C ARG B 119 1.24 24.71 -15.59
N THR B 120 2.39 24.06 -15.42
CA THR B 120 2.61 22.71 -15.94
C THR B 120 1.70 21.70 -15.24
N MET B 121 1.54 21.88 -13.93
CA MET B 121 0.59 21.10 -13.15
C MET B 121 -0.84 21.19 -13.70
N ASP B 122 -1.31 22.40 -13.92
CA ASP B 122 -2.63 22.62 -14.49
C ASP B 122 -2.71 22.15 -15.95
N ASP B 123 -1.66 22.35 -16.74
CA ASP B 123 -1.59 21.85 -18.13
C ASP B 123 -1.69 20.33 -18.17
N MET B 124 -0.95 19.66 -17.28
CA MET B 124 -1.00 18.21 -17.22
C MET B 124 -2.38 17.72 -16.84
N GLY B 125 -2.97 18.36 -15.82
CA GLY B 125 -4.35 18.05 -15.37
C GLY B 125 -5.42 18.09 -16.45
N ARG B 126 -5.33 19.07 -17.33
CA ARG B 126 -6.27 19.24 -18.47
C ARG B 126 -6.35 18.04 -19.39
N GLU B 127 -5.32 17.18 -19.39
CA GLU B 127 -5.37 15.92 -20.14
C GLU B 127 -5.84 14.72 -19.33
N ILE B 128 -6.30 14.96 -18.11
CA ILE B 128 -6.71 13.87 -17.22
C ILE B 128 -8.21 13.90 -16.97
N PRO B 129 -8.94 12.86 -17.41
CA PRO B 129 -10.39 12.86 -17.18
C PRO B 129 -10.72 12.60 -15.69
N SER B 130 -11.52 13.50 -15.10
CA SER B 130 -11.96 13.34 -13.70
C SER B 130 -12.47 11.93 -13.36
N ASP B 131 -13.32 11.40 -14.24
CA ASP B 131 -14.01 10.14 -13.95
C ASP B 131 -13.23 8.89 -14.36
N ALA B 132 -12.04 9.08 -14.92
CA ALA B 132 -11.24 7.98 -15.45
C ALA B 132 -9.79 8.42 -15.68
N PRO B 133 -9.04 8.74 -14.60
CA PRO B 133 -7.66 9.23 -14.79
C PRO B 133 -6.72 8.27 -15.52
N TRP B 134 -7.00 6.96 -15.45
CA TRP B 134 -6.22 5.94 -16.16
C TRP B 134 -6.36 6.08 -17.69
N LYS B 135 -7.28 6.93 -18.14
CA LYS B 135 -7.53 7.12 -19.56
C LYS B 135 -6.81 8.34 -20.12
N ALA B 136 -6.02 8.98 -19.26
CA ALA B 136 -5.11 10.05 -19.67
C ALA B 136 -4.12 9.55 -20.72
N PRO B 137 -3.84 10.37 -21.75
CA PRO B 137 -2.97 9.91 -22.85
C PRO B 137 -1.65 9.33 -22.35
N LEU B 138 -1.03 9.97 -21.37
CA LEU B 138 0.24 9.52 -20.79
C LEU B 138 0.07 8.87 -19.40
N ALA B 139 -1.06 8.17 -19.21
CA ALA B 139 -1.42 7.64 -17.89
C ALA B 139 -0.33 6.74 -17.29
N GLU B 140 0.16 5.78 -18.06
CA GLU B 140 1.17 4.86 -17.53
C GLU B 140 2.48 5.56 -17.22
N GLU B 141 2.92 6.43 -18.13
CA GLU B 141 4.13 7.23 -17.92
C GLU B 141 4.07 8.01 -16.60
N TRP B 142 2.99 8.76 -16.40
CA TRP B 142 2.82 9.59 -15.19
C TRP B 142 2.57 8.75 -13.94
N ASP B 143 1.96 7.59 -14.12
CA ASP B 143 1.67 6.69 -13.00
C ASP B 143 2.88 5.93 -12.50
N ASN B 144 3.89 5.76 -13.36
CA ASN B 144 5.09 5.01 -13.02
C ASN B 144 6.19 5.90 -12.45
N MET B 145 5.83 7.16 -12.23
CA MET B 145 6.68 8.19 -11.66
C MET B 145 6.06 8.62 -10.33
N THR B 146 6.88 8.87 -9.31
CA THR B 146 6.38 9.54 -8.11
C THR B 146 6.36 11.05 -8.33
N MET B 147 5.67 11.78 -7.45
CA MET B 147 5.68 13.25 -7.53
C MET B 147 7.06 13.87 -7.29
N LYS B 148 7.88 13.17 -6.52
CA LYS B 148 9.26 13.60 -6.27
C LYS B 148 10.06 13.61 -7.58
N GLU B 149 9.92 12.55 -8.39
CA GLU B 149 10.54 12.48 -9.72
C GLU B 149 10.07 13.60 -10.62
N LEU B 150 8.76 13.81 -10.67
CA LEU B 150 8.22 14.92 -11.43
C LEU B 150 8.83 16.25 -10.96
N LEU B 151 8.83 16.50 -9.66
CA LEU B 151 9.42 17.72 -9.10
C LEU B 151 10.92 17.88 -9.40
N ASP B 152 11.67 16.80 -9.33
CA ASP B 152 13.09 16.83 -9.68
C ASP B 152 13.28 17.23 -11.15
N LYS B 153 12.35 16.78 -11.99
CA LYS B 153 12.41 17.02 -13.43
C LYS B 153 12.02 18.47 -13.77
N LEU B 154 10.96 18.99 -13.14
CA LEU B 154 10.41 20.29 -13.51
C LEU B 154 11.08 21.49 -12.83
N CYS B 155 11.45 21.32 -11.57
CA CYS B 155 11.90 22.43 -10.76
C CYS B 155 13.39 22.64 -10.91
N TRP B 156 13.76 23.74 -11.54
CA TRP B 156 15.18 24.06 -11.72
C TRP B 156 15.80 24.78 -10.50
N THR B 157 14.94 25.24 -9.58
CA THR B 157 15.40 25.91 -8.35
C THR B 157 14.93 25.19 -7.08
N GLU B 158 15.75 25.26 -6.04
CA GLU B 158 15.43 24.69 -4.73
C GLU B 158 14.25 25.38 -4.06
N SER B 159 14.07 26.65 -4.35
CA SER B 159 12.92 27.43 -3.89
C SER B 159 11.58 26.89 -4.42
N ALA B 160 11.51 26.65 -5.72
CA ALA B 160 10.29 26.11 -6.31
C ALA B 160 10.01 24.69 -5.80
N LYS B 161 11.09 23.91 -5.64
CA LYS B 161 10.95 22.53 -5.22
C LYS B 161 10.50 22.38 -3.76
N GLN B 162 11.00 23.24 -2.88
CA GLN B 162 10.60 23.22 -1.48
C GLN B 162 9.11 23.58 -1.33
N LEU B 163 8.68 24.58 -2.07
CA LEU B 163 7.31 25.03 -2.00
C LEU B 163 6.36 24.04 -2.65
N ALA B 164 6.80 23.42 -3.75
CA ALA B 164 5.99 22.40 -4.42
C ALA B 164 5.85 21.17 -3.51
N THR B 165 6.93 20.86 -2.80
CA THR B 165 6.94 19.73 -1.88
C THR B 165 5.94 20.01 -0.75
N LEU B 166 6.00 21.23 -0.19
CA LEU B 166 5.10 21.60 0.87
C LEU B 166 3.65 21.49 0.39
N PHE B 167 3.41 21.92 -0.85
CA PHE B 167 2.09 21.86 -1.49
C PHE B 167 1.55 20.44 -1.56
N VAL B 168 2.39 19.49 -1.98
CA VAL B 168 2.02 18.07 -1.97
C VAL B 168 1.76 17.59 -0.56
N ASN B 169 2.66 17.90 0.37
CA ASN B 169 2.48 17.51 1.76
C ASN B 169 1.12 17.97 2.31
N LEU B 170 0.77 19.22 2.07
CA LEU B 170 -0.44 19.82 2.63
C LEU B 170 -1.73 19.27 1.97
N CYS B 171 -1.69 19.05 0.67
CA CYS B 171 -2.84 18.60 -0.10
C CYS B 171 -3.22 17.17 0.21
N VAL B 172 -2.21 16.28 0.25
CA VAL B 172 -2.50 14.86 0.36
C VAL B 172 -1.85 14.15 1.57
N THR B 173 -1.34 14.94 2.51
CA THR B 173 -0.70 14.42 3.74
C THR B 173 0.24 13.22 3.49
N ALA B 174 1.03 13.30 2.43
CA ALA B 174 1.95 12.23 2.08
C ALA B 174 3.16 12.85 1.45
N GLU B 175 4.26 12.09 1.47
CA GLU B 175 5.50 12.57 0.93
C GLU B 175 5.48 12.46 -0.58
N THR B 176 6.20 13.36 -1.25
CA THR B 176 6.24 13.42 -2.70
C THR B 176 6.69 12.08 -3.29
N HIS B 177 7.56 11.37 -2.58
CA HIS B 177 8.10 10.09 -3.06
C HIS B 177 7.16 8.90 -2.79
N GLU B 178 6.09 9.14 -2.06
CA GLU B 178 5.14 8.09 -1.71
C GLU B 178 4.03 7.96 -2.75
N VAL B 179 3.81 9.03 -3.53
CA VAL B 179 2.59 9.14 -4.34
C VAL B 179 2.87 9.13 -5.83
N SER B 180 1.93 8.58 -6.59
CA SER B 180 1.93 8.61 -8.03
C SER B 180 1.77 10.05 -8.56
N ALA B 181 2.62 10.42 -9.50
CA ALA B 181 2.46 11.67 -10.22
C ALA B 181 1.07 11.76 -10.85
N LEU B 182 0.65 10.68 -11.53
CA LEU B 182 -0.66 10.67 -12.19
C LEU B 182 -1.78 10.92 -11.19
N TRP B 183 -1.75 10.20 -10.07
CA TRP B 183 -2.80 10.33 -9.11
C TRP B 183 -2.87 11.75 -8.53
N PHE B 184 -1.72 12.32 -8.17
CA PHE B 184 -1.71 13.63 -7.53
C PHE B 184 -2.19 14.71 -8.50
N LEU B 185 -1.80 14.58 -9.76
CA LEU B 185 -2.21 15.47 -10.83
C LEU B 185 -3.70 15.37 -11.08
N TRP B 186 -4.24 14.15 -10.98
CA TRP B 186 -5.69 13.97 -11.06
C TRP B 186 -6.39 14.60 -9.85
N TYR B 187 -5.77 14.45 -8.67
CA TYR B 187 -6.35 14.91 -7.41
C TYR B 187 -6.56 16.43 -7.45
N VAL B 188 -5.55 17.13 -7.94
CA VAL B 188 -5.59 18.59 -8.06
C VAL B 188 -6.61 19.00 -9.11
N LYS B 189 -6.51 18.42 -10.31
CA LYS B 189 -7.45 18.68 -11.41
C LYS B 189 -8.92 18.50 -10.99
N GLN B 190 -9.21 17.38 -10.31
CA GLN B 190 -10.58 17.08 -9.90
C GLN B 190 -11.08 17.93 -8.71
N CYS B 191 -10.22 18.80 -8.16
CA CYS B 191 -10.64 19.87 -7.25
C CYS B 191 -10.77 21.23 -7.97
N GLY B 192 -10.65 21.23 -9.30
CA GLY B 192 -10.70 22.46 -10.08
C GLY B 192 -9.35 23.13 -10.31
N GLY B 193 -8.24 22.44 -10.02
CA GLY B 193 -6.92 23.03 -10.28
C GLY B 193 -6.24 23.62 -9.06
N THR B 194 -4.97 23.98 -9.21
CA THR B 194 -4.11 24.36 -8.08
C THR B 194 -4.65 25.57 -7.31
N THR B 195 -5.11 26.58 -8.04
CA THR B 195 -5.64 27.80 -7.41
C THR B 195 -6.85 27.49 -6.55
N ARG B 196 -7.79 26.72 -7.10
CA ARG B 196 -9.01 26.38 -6.40
C ARG B 196 -8.73 25.60 -5.12
N ILE B 197 -7.83 24.64 -5.21
CA ILE B 197 -7.57 23.72 -4.10
C ILE B 197 -6.85 24.39 -2.92
N ILE B 198 -5.99 25.36 -3.22
CA ILE B 198 -5.12 25.98 -2.21
C ILE B 198 -5.61 27.33 -1.68
N SER B 199 -6.55 27.96 -2.37
CA SER B 199 -7.02 29.30 -1.99
C SER B 199 -7.99 29.30 -0.78
N THR B 200 -7.87 30.30 0.06
CA THR B 200 -8.87 30.54 1.10
C THR B 200 -10.02 31.27 0.42
N THR B 201 -9.86 32.56 0.11
CA THR B 201 -10.86 33.27 -0.67
C THR B 201 -10.99 32.64 -2.07
N ASN B 202 -12.20 32.21 -2.41
CA ASN B 202 -12.53 31.60 -3.70
C ASN B 202 -12.01 30.16 -3.91
N GLY B 203 -11.64 29.48 -2.82
CA GLY B 203 -11.14 28.12 -2.89
C GLY B 203 -11.63 27.19 -1.78
N GLY B 204 -10.97 26.05 -1.64
CA GLY B 204 -11.40 25.00 -0.69
C GLY B 204 -11.35 25.36 0.78
N GLN B 205 -10.63 26.43 1.13
CA GLN B 205 -10.50 26.82 2.52
C GLN B 205 -11.28 28.06 2.86
N GLU B 206 -12.28 28.41 2.05
CA GLU B 206 -12.99 29.66 2.28
C GLU B 206 -13.78 29.69 3.59
N ARG B 207 -14.41 28.57 3.93
CA ARG B 207 -15.45 28.57 4.95
C ARG B 207 -15.40 27.36 5.88
N LYS B 208 -15.95 27.56 7.08
CA LYS B 208 -16.29 26.47 8.00
C LYS B 208 -17.80 26.50 8.33
N PHE B 209 -18.30 25.42 8.93
CA PHE B 209 -19.68 25.39 9.39
C PHE B 209 -19.79 25.91 10.81
N VAL B 210 -20.70 26.85 11.03
CA VAL B 210 -21.01 27.33 12.36
C VAL B 210 -21.44 26.15 13.21
N GLY B 211 -20.74 25.92 14.32
CA GLY B 211 -21.02 24.78 15.20
C GLY B 211 -20.25 23.50 14.87
N GLY B 212 -19.55 23.49 13.73
CA GLY B 212 -18.77 22.32 13.32
C GLY B 212 -19.40 21.50 12.22
N SER B 213 -18.55 20.79 11.47
CA SER B 213 -19.00 19.99 10.34
C SER B 213 -19.54 18.65 10.82
N GLY B 214 -19.20 18.28 12.04
CA GLY B 214 -19.70 17.04 12.62
C GLY B 214 -21.22 17.00 12.70
N GLN B 215 -21.87 18.17 12.63
CA GLN B 215 -23.33 18.21 12.68
C GLN B 215 -23.95 17.65 11.40
N VAL B 216 -23.20 17.62 10.30
CA VAL B 216 -23.74 17.05 9.08
C VAL B 216 -24.16 15.61 9.38
N SER B 217 -23.21 14.81 9.88
CA SER B 217 -23.52 13.44 10.19
C SER B 217 -24.49 13.29 11.35
N GLU B 218 -24.32 14.11 12.39
CA GLU B 218 -25.16 14.00 13.58
C GLU B 218 -26.61 14.29 13.25
N ARG B 219 -26.84 15.29 12.39
CA ARG B 219 -28.19 15.71 12.07
C ARG B 219 -28.91 14.76 11.13
N ILE B 220 -28.15 14.07 10.27
CA ILE B 220 -28.74 12.98 9.48
C ILE B 220 -29.04 11.78 10.38
N MET B 221 -28.17 11.51 11.36
CA MET B 221 -28.47 10.49 12.36
C MET B 221 -29.75 10.81 13.14
N ASP B 222 -29.93 12.09 13.47
CA ASP B 222 -31.17 12.55 14.11
C ASP B 222 -32.41 12.23 13.26
N LEU B 223 -32.32 12.44 11.96
CA LEU B 223 -33.41 12.09 11.05
C LEU B 223 -33.66 10.60 11.09
N LEU B 224 -32.61 9.81 10.92
CA LEU B 224 -32.76 8.37 10.77
C LEU B 224 -33.15 7.64 12.06
N GLY B 225 -32.95 8.31 13.21
CA GLY B 225 -33.24 7.74 14.52
C GLY B 225 -32.52 6.42 14.71
N ASP B 226 -33.27 5.41 15.14
CA ASP B 226 -32.70 4.10 15.48
C ASP B 226 -32.32 3.20 14.29
N ARG B 227 -32.43 3.73 13.07
CA ARG B 227 -31.92 3.05 11.88
C ARG B 227 -30.39 3.05 11.86
N VAL B 228 -29.78 4.02 12.56
CA VAL B 228 -28.34 4.08 12.73
C VAL B 228 -27.91 3.22 13.92
N LYS B 229 -27.02 2.26 13.68
CA LYS B 229 -26.57 1.34 14.73
C LYS B 229 -25.11 1.65 15.08
N LEU B 230 -24.91 2.20 16.27
CA LEU B 230 -23.58 2.60 16.74
C LEU B 230 -22.88 1.41 17.34
N GLU B 231 -21.54 1.39 17.25
CA GLU B 231 -20.71 0.27 17.71
C GLU B 231 -21.08 -1.07 17.07
N ARG B 232 -21.34 -1.01 15.77
CA ARG B 232 -21.62 -2.18 14.96
C ARG B 232 -20.59 -2.33 13.84
N PRO B 233 -19.33 -2.71 14.20
CA PRO B 233 -18.39 -2.89 13.10
C PRO B 233 -18.79 -4.12 12.29
N VAL B 234 -18.89 -3.95 10.97
CA VAL B 234 -19.22 -5.03 10.05
C VAL B 234 -18.01 -5.92 9.87
N ILE B 235 -18.21 -7.23 10.02
CA ILE B 235 -17.11 -8.20 9.92
C ILE B 235 -17.24 -9.16 8.73
N TYR B 236 -18.44 -9.27 8.18
CA TYR B 236 -18.78 -10.35 7.29
C TYR B 236 -19.94 -9.98 6.38
N ILE B 237 -19.72 -10.16 5.08
CA ILE B 237 -20.75 -9.96 4.09
C ILE B 237 -20.88 -11.20 3.21
N ASP B 238 -22.06 -11.80 3.22
CA ASP B 238 -22.35 -13.06 2.51
C ASP B 238 -23.34 -12.77 1.40
N GLN B 239 -22.92 -12.98 0.17
CA GLN B 239 -23.78 -12.76 -1.00
C GLN B 239 -24.16 -14.05 -1.73
N THR B 240 -24.19 -15.18 -1.04
CA THR B 240 -24.47 -16.45 -1.72
C THR B 240 -25.97 -16.79 -1.80
N ARG B 241 -26.80 -16.07 -1.04
CA ARG B 241 -28.23 -16.37 -0.95
C ARG B 241 -29.12 -15.29 -1.61
N GLU B 242 -30.44 -15.51 -1.55
CA GLU B 242 -31.44 -14.61 -2.14
C GLU B 242 -31.24 -13.15 -1.69
N ASN B 243 -31.22 -12.95 -0.37
CA ASN B 243 -30.87 -11.66 0.22
C ASN B 243 -29.41 -11.64 0.67
N VAL B 244 -28.83 -10.45 0.78
CA VAL B 244 -27.46 -10.28 1.28
C VAL B 244 -27.45 -10.30 2.81
N LEU B 245 -26.46 -10.97 3.39
CA LEU B 245 -26.32 -11.06 4.84
C LEU B 245 -25.07 -10.32 5.30
N VAL B 246 -25.25 -9.39 6.24
CA VAL B 246 -24.20 -8.56 6.76
C VAL B 246 -24.12 -8.79 8.28
N GLU B 247 -23.00 -9.31 8.74
CA GLU B 247 -22.83 -9.57 10.17
C GLU B 247 -21.91 -8.54 10.83
N THR B 248 -22.23 -8.20 12.08
CA THR B 248 -21.39 -7.30 12.88
C THR B 248 -20.61 -8.07 13.96
N LEU B 249 -19.60 -7.41 14.52
CA LEU B 249 -18.72 -7.96 15.54
C LEU B 249 -19.44 -8.35 16.83
N ASN B 250 -20.45 -7.58 17.21
CA ASN B 250 -21.25 -7.88 18.39
C ASN B 250 -22.35 -8.91 18.10
N HIS B 251 -22.21 -9.61 16.97
CA HIS B 251 -23.00 -10.81 16.65
C HIS B 251 -24.40 -10.60 16.06
N GLU B 252 -24.70 -9.38 15.61
CA GLU B 252 -25.97 -9.10 14.95
C GLU B 252 -25.91 -9.41 13.48
N MET B 253 -27.03 -9.90 12.96
CA MET B 253 -27.17 -10.21 11.55
C MET B 253 -28.19 -9.29 10.91
N TYR B 254 -27.81 -8.73 9.77
CA TYR B 254 -28.72 -7.89 8.98
C TYR B 254 -28.90 -8.51 7.59
N GLU B 255 -30.06 -8.30 7.02
CA GLU B 255 -30.44 -8.91 5.76
C GLU B 255 -31.06 -7.82 4.90
N ALA B 256 -30.53 -7.68 3.70
CA ALA B 256 -30.95 -6.63 2.79
C ALA B 256 -30.92 -7.10 1.35
N LYS B 257 -31.53 -6.32 0.48
CA LYS B 257 -31.46 -6.57 -0.94
C LYS B 257 -30.10 -6.12 -1.46
N TYR B 258 -29.59 -5.00 -0.94
CA TYR B 258 -28.36 -4.38 -1.43
C TYR B 258 -27.54 -3.79 -0.28
N VAL B 259 -26.25 -3.58 -0.54
CA VAL B 259 -25.35 -2.98 0.42
C VAL B 259 -24.59 -1.82 -0.20
N ILE B 260 -24.40 -0.77 0.59
CA ILE B 260 -23.51 0.30 0.24
C ILE B 260 -22.33 0.24 1.19
N SER B 261 -21.13 0.10 0.60
CA SER B 261 -19.91 0.24 1.36
C SER B 261 -19.49 1.70 1.31
N ALA B 262 -19.57 2.36 2.46
CA ALA B 262 -19.27 3.77 2.56
C ALA B 262 -18.04 4.01 3.44
N ILE B 263 -17.02 3.17 3.25
CA ILE B 263 -15.83 3.24 4.08
C ILE B 263 -14.62 3.45 3.17
N PRO B 264 -13.51 4.00 3.69
CA PRO B 264 -12.28 4.07 2.90
C PRO B 264 -11.95 2.70 2.32
N PRO B 265 -11.50 2.64 1.05
CA PRO B 265 -11.31 1.35 0.35
C PRO B 265 -10.44 0.34 1.11
N THR B 266 -9.35 0.78 1.71
CA THR B 266 -8.53 -0.18 2.42
C THR B 266 -9.23 -0.82 3.61
N LEU B 267 -10.22 -0.13 4.18
CA LEU B 267 -10.94 -0.64 5.35
C LEU B 267 -11.90 -1.77 5.00
N GLY B 268 -12.13 -1.96 3.69
CA GLY B 268 -12.87 -3.11 3.21
C GLY B 268 -12.16 -4.40 3.56
N MET B 269 -10.86 -4.29 3.87
CA MET B 269 -10.07 -5.43 4.33
C MET B 269 -10.54 -5.99 5.68
N LYS B 270 -11.17 -5.14 6.50
CA LYS B 270 -11.67 -5.59 7.82
C LYS B 270 -12.90 -6.51 7.73
N ILE B 271 -13.43 -6.66 6.51
CA ILE B 271 -14.61 -7.47 6.27
C ILE B 271 -14.20 -8.78 5.57
N HIS B 272 -14.72 -9.91 6.05
CA HIS B 272 -14.53 -11.18 5.36
C HIS B 272 -15.69 -11.36 4.40
N PHE B 273 -15.38 -11.71 3.15
CA PHE B 273 -16.40 -11.79 2.11
C PHE B 273 -16.66 -13.23 1.66
N ASN B 274 -17.93 -13.54 1.49
CA ASN B 274 -18.34 -14.80 0.93
C ASN B 274 -19.38 -14.51 -0.15
N PRO B 275 -19.07 -14.83 -1.43
CA PRO B 275 -17.82 -15.44 -1.90
C PRO B 275 -16.65 -14.43 -1.84
N PRO B 276 -15.42 -14.92 -2.00
CA PRO B 276 -14.29 -13.97 -1.99
C PRO B 276 -14.51 -12.84 -3.00
N LEU B 277 -13.93 -11.68 -2.73
CA LEU B 277 -13.99 -10.55 -3.66
C LEU B 277 -13.36 -10.96 -5.00
N PRO B 278 -13.77 -10.33 -6.12
CA PRO B 278 -13.02 -10.61 -7.36
C PRO B 278 -11.57 -10.16 -7.19
N MET B 279 -10.67 -10.75 -7.98
CA MET B 279 -9.23 -10.59 -7.83
C MET B 279 -8.71 -9.14 -7.79
N MET B 280 -9.16 -8.32 -8.73
CA MET B 280 -8.66 -6.96 -8.82
C MET B 280 -9.00 -6.16 -7.57
N ARG B 281 -10.22 -6.30 -7.06
CA ARG B 281 -10.61 -5.63 -5.80
C ARG B 281 -9.89 -6.22 -4.60
N ASN B 282 -9.76 -7.55 -4.57
CA ASN B 282 -9.07 -8.22 -3.48
C ASN B 282 -7.66 -7.67 -3.28
N GLN B 283 -6.95 -7.41 -4.38
CA GLN B 283 -5.62 -6.83 -4.28
C GLN B 283 -5.65 -5.31 -4.14
N MET B 284 -6.61 -4.67 -4.78
CA MET B 284 -6.69 -3.19 -4.77
C MET B 284 -6.73 -2.64 -3.34
N ILE B 285 -7.58 -3.23 -2.51
CA ILE B 285 -7.80 -2.79 -1.12
C ILE B 285 -6.59 -3.01 -0.17
N THR B 286 -5.51 -3.60 -0.68
CA THR B 286 -4.27 -3.76 0.06
C THR B 286 -3.21 -2.74 -0.40
N ARG B 287 -3.57 -1.92 -1.39
CA ARG B 287 -2.63 -1.09 -2.11
C ARG B 287 -2.90 0.38 -1.96
N VAL B 288 -3.84 0.73 -1.09
CA VAL B 288 -4.38 2.08 -1.07
C VAL B 288 -4.44 2.66 0.36
N PRO B 289 -3.29 3.10 0.89
CA PRO B 289 -3.24 3.64 2.24
C PRO B 289 -3.85 5.05 2.33
N LEU B 290 -4.03 5.54 3.56
CA LEU B 290 -4.42 6.93 3.79
C LEU B 290 -3.21 7.66 4.36
N GLY B 291 -3.23 8.99 4.24
CA GLY B 291 -2.10 9.82 4.66
C GLY B 291 -2.00 9.96 6.16
N SER B 292 -1.03 10.75 6.61
CA SER B 292 -0.72 10.88 8.03
C SER B 292 -0.75 12.35 8.40
N VAL B 293 -1.49 12.68 9.47
CA VAL B 293 -1.66 14.05 9.88
C VAL B 293 -2.12 14.09 11.34
N ILE B 294 -1.56 15.05 12.09
CA ILE B 294 -2.11 15.47 13.36
C ILE B 294 -2.66 16.87 13.15
N LYS B 295 -3.94 17.04 13.46
CA LYS B 295 -4.52 18.38 13.47
C LYS B 295 -4.42 18.96 14.89
N CYS B 296 -3.87 20.18 14.99
CA CYS B 296 -3.54 20.81 16.25
C CYS B 296 -4.13 22.20 16.30
N ILE B 297 -4.74 22.54 17.44
CA ILE B 297 -5.38 23.84 17.59
C ILE B 297 -4.92 24.48 18.92
N VAL B 298 -4.18 25.58 18.83
CA VAL B 298 -3.69 26.30 19.99
C VAL B 298 -4.58 27.51 20.25
N TYR B 299 -5.13 27.57 21.48
CA TYR B 299 -6.03 28.64 21.90
C TYR B 299 -5.29 29.76 22.61
N TYR B 300 -5.73 30.98 22.35
CA TYR B 300 -5.13 32.17 22.94
C TYR B 300 -6.20 33.09 23.50
N LYS B 301 -5.81 33.98 24.42
CA LYS B 301 -6.75 34.92 25.05
C LYS B 301 -7.36 35.83 23.98
N GLU B 302 -6.53 36.29 23.05
CA GLU B 302 -6.97 37.16 21.95
C GLU B 302 -6.30 36.77 20.62
N PRO B 303 -6.89 37.15 19.47
CA PRO B 303 -6.24 36.90 18.17
C PRO B 303 -5.13 37.92 17.91
N PHE B 304 -4.09 37.88 18.73
CA PHE B 304 -3.05 38.91 18.75
C PHE B 304 -2.36 39.13 17.41
N TRP B 305 -2.27 38.09 16.58
CA TRP B 305 -1.64 38.21 15.26
C TRP B 305 -2.29 39.29 14.39
N ARG B 306 -3.60 39.47 14.54
CA ARG B 306 -4.36 40.48 13.78
C ARG B 306 -3.89 41.91 14.05
N LYS B 307 -3.37 42.15 15.26
CA LYS B 307 -2.84 43.44 15.68
C LYS B 307 -1.58 43.80 14.90
N LYS B 308 -0.84 42.76 14.50
CA LYS B 308 0.37 42.92 13.71
C LYS B 308 0.09 42.85 12.21
N ASP B 309 -1.20 42.89 11.86
CA ASP B 309 -1.65 42.77 10.46
C ASP B 309 -1.26 41.41 9.82
N TYR B 310 -1.28 40.36 10.63
CA TYR B 310 -1.25 38.98 10.14
C TYR B 310 -2.64 38.32 10.31
N CYS B 311 -3.09 37.58 9.30
CA CYS B 311 -4.37 36.89 9.40
C CYS B 311 -4.30 35.59 10.20
N GLY B 312 -3.09 35.05 10.38
CA GLY B 312 -2.94 33.78 11.11
C GLY B 312 -2.59 32.63 10.21
N THR B 313 -2.68 32.87 8.89
CA THR B 313 -2.22 31.92 7.88
C THR B 313 -0.72 32.04 7.72
N MET B 314 -0.03 30.94 7.96
CA MET B 314 1.42 30.86 7.85
C MET B 314 1.76 29.68 6.95
N ILE B 315 2.67 29.94 6.01
CA ILE B 315 3.24 28.91 5.14
C ILE B 315 4.70 28.76 5.56
N ILE B 316 5.05 27.60 6.13
CA ILE B 316 6.32 27.46 6.83
C ILE B 316 7.22 26.41 6.24
N ASP B 317 8.31 26.85 5.64
CA ASP B 317 9.22 25.93 5.00
C ASP B 317 10.23 25.29 5.96
N GLY B 318 10.68 24.09 5.61
CA GLY B 318 11.80 23.44 6.30
C GLY B 318 11.47 22.14 6.99
N GLU B 319 12.51 21.40 7.37
CA GLU B 319 12.36 20.13 8.06
C GLU B 319 12.10 20.39 9.53
N GLU B 320 12.67 21.49 10.02
CA GLU B 320 12.68 21.77 11.45
C GLU B 320 11.28 22.05 12.01
N ALA B 321 10.50 22.84 11.29
CA ALA B 321 9.15 23.23 11.70
C ALA B 321 8.21 22.03 11.81
N PRO B 322 7.55 21.84 12.97
CA PRO B 322 6.57 20.76 13.12
C PRO B 322 5.36 20.93 12.19
N VAL B 323 4.92 22.17 12.03
CA VAL B 323 3.70 22.51 11.29
C VAL B 323 4.13 23.30 10.07
N ALA B 324 3.65 22.90 8.89
CA ALA B 324 4.06 23.57 7.67
C ALA B 324 3.02 24.58 7.20
N TYR B 325 1.84 24.54 7.82
CA TYR B 325 0.70 25.32 7.38
C TYR B 325 -0.34 25.55 8.49
N THR B 326 -0.81 26.79 8.61
CA THR B 326 -1.73 27.18 9.65
C THR B 326 -2.84 28.09 9.15
N LEU B 327 -3.94 28.12 9.89
CA LEU B 327 -5.02 29.04 9.62
C LEU B 327 -5.52 29.62 10.93
N ASP B 328 -6.01 30.85 10.88
CA ASP B 328 -6.79 31.42 11.99
C ASP B 328 -7.99 30.50 12.25
N ASP B 329 -8.17 30.07 13.49
CA ASP B 329 -9.32 29.22 13.83
C ASP B 329 -10.25 29.88 14.85
N THR B 330 -10.15 31.20 14.96
CA THR B 330 -11.00 32.01 15.83
C THR B 330 -12.44 31.90 15.35
N LYS B 331 -13.38 31.88 16.30
CA LYS B 331 -14.81 31.86 16.02
C LYS B 331 -15.23 33.12 15.30
N PRO B 332 -16.32 33.07 14.51
CA PRO B 332 -16.68 34.26 13.71
C PRO B 332 -17.00 35.49 14.59
N GLU B 333 -17.33 35.24 15.85
CA GLU B 333 -17.62 36.29 16.81
C GLU B 333 -16.38 37.00 17.35
N GLY B 334 -15.19 36.46 17.04
CA GLY B 334 -13.92 37.05 17.53
C GLY B 334 -13.36 36.44 18.81
N ASN B 335 -14.09 35.50 19.40
CA ASN B 335 -13.63 34.89 20.64
C ASN B 335 -13.13 33.48 20.39
N TYR B 336 -12.66 32.84 21.45
CA TYR B 336 -11.97 31.57 21.36
C TYR B 336 -10.86 31.66 20.30
N ALA B 337 -10.01 32.67 20.45
CA ALA B 337 -8.89 32.90 19.53
C ALA B 337 -8.03 31.66 19.46
N ALA B 338 -7.69 31.27 18.23
CA ALA B 338 -7.00 30.02 18.03
C ALA B 338 -6.29 29.98 16.67
N ILE B 339 -5.18 29.27 16.65
CA ILE B 339 -4.47 28.96 15.41
C ILE B 339 -4.58 27.46 15.20
N MET B 340 -5.03 27.10 14.00
CA MET B 340 -5.06 25.69 13.58
C MET B 340 -3.81 25.39 12.73
N GLY B 341 -3.15 24.28 13.01
CA GLY B 341 -2.00 23.85 12.22
C GLY B 341 -2.03 22.36 11.95
N PHE B 342 -1.45 21.95 10.81
CA PHE B 342 -1.35 20.52 10.48
C PHE B 342 0.08 20.04 10.65
N ILE B 343 0.27 18.96 11.38
CA ILE B 343 1.56 18.27 11.37
C ILE B 343 1.46 17.18 10.30
N LEU B 344 2.21 17.33 9.22
CA LEU B 344 1.96 16.58 7.98
C LEU B 344 2.89 15.39 7.75
N ALA B 345 2.30 14.31 7.26
CA ALA B 345 3.05 13.19 6.66
C ALA B 345 4.12 12.63 7.62
N HIS B 346 5.40 12.62 7.22
CA HIS B 346 6.43 11.99 8.06
C HIS B 346 6.58 12.67 9.43
N LYS B 347 6.31 13.98 9.50
CA LYS B 347 6.37 14.69 10.78
C LYS B 347 5.31 14.22 11.77
N ALA B 348 4.18 13.72 11.27
CA ALA B 348 3.13 13.19 12.11
C ALA B 348 3.59 11.89 12.77
N ARG B 349 4.35 11.10 12.02
CA ARG B 349 4.99 9.89 12.52
C ARG B 349 6.05 10.22 13.57
N LYS B 350 6.94 11.14 13.21
CA LYS B 350 8.09 11.52 14.05
C LYS B 350 7.67 12.18 15.37
N LEU B 351 6.70 13.07 15.32
CA LEU B 351 6.32 13.85 16.50
C LEU B 351 5.28 13.20 17.39
N ALA B 352 4.68 12.11 16.91
CA ALA B 352 3.73 11.32 17.69
C ALA B 352 4.38 10.65 18.91
N ARG B 353 5.69 10.47 18.84
CA ARG B 353 6.51 9.96 19.93
C ARG B 353 6.43 10.86 21.16
N LEU B 354 6.14 12.14 20.94
CA LEU B 354 6.16 13.13 21.99
C LEU B 354 4.87 13.13 22.77
N THR B 355 4.89 13.77 23.94
CA THR B 355 3.68 13.95 24.74
C THR B 355 2.91 15.14 24.20
N LYS B 356 1.63 15.22 24.57
CA LYS B 356 0.78 16.36 24.25
C LYS B 356 1.39 17.70 24.67
N GLU B 357 1.99 17.76 25.87
CA GLU B 357 2.63 18.99 26.32
C GLU B 357 3.84 19.33 25.46
N GLU B 358 4.62 18.30 25.10
CA GLU B 358 5.82 18.51 24.28
C GLU B 358 5.48 19.07 22.91
N ARG B 359 4.41 18.56 22.29
CA ARG B 359 3.95 19.06 21.01
C ARG B 359 3.48 20.50 21.14
N LEU B 360 2.71 20.78 22.18
CA LEU B 360 2.21 22.14 22.44
C LEU B 360 3.36 23.16 22.53
N LYS B 361 4.36 22.83 23.34
CA LYS B 361 5.55 23.66 23.47
C LYS B 361 6.24 23.91 22.11
N LYS B 362 6.44 22.86 21.32
CA LYS B 362 7.08 23.00 20.00
C LYS B 362 6.31 23.94 19.07
N LEU B 363 4.99 23.80 19.06
CA LEU B 363 4.10 24.63 18.25
C LEU B 363 4.11 26.10 18.65
N CYS B 364 3.97 26.37 19.95
CA CYS B 364 4.02 27.72 20.49
C CYS B 364 5.33 28.42 20.18
N GLU B 365 6.44 27.69 20.26
CA GLU B 365 7.73 28.27 19.94
C GLU B 365 7.88 28.58 18.46
N LEU B 366 7.34 27.73 17.59
CA LEU B 366 7.30 28.00 16.17
C LEU B 366 6.47 29.26 15.85
N TYR B 367 5.26 29.31 16.40
CA TYR B 367 4.36 30.42 16.11
C TYR B 367 4.94 31.72 16.64
N ALA B 368 5.59 31.66 17.80
CA ALA B 368 6.23 32.85 18.33
C ALA B 368 7.29 33.34 17.35
N LYS B 369 8.02 32.42 16.74
CA LYS B 369 9.07 32.79 15.81
C LYS B 369 8.46 33.36 14.53
N VAL B 370 7.46 32.67 13.99
CA VAL B 370 6.90 33.03 12.71
C VAL B 370 6.07 34.33 12.78
N LEU B 371 5.25 34.43 13.82
CA LEU B 371 4.45 35.64 14.02
C LEU B 371 5.23 36.77 14.67
N GLY B 372 6.43 36.47 15.18
CA GLY B 372 7.27 37.46 15.86
C GLY B 372 6.56 38.02 17.07
N SER B 373 6.08 37.12 17.94
CA SER B 373 5.23 37.48 19.09
C SER B 373 5.45 36.59 20.30
N LEU B 374 5.84 37.17 21.42
CA LEU B 374 5.88 36.45 22.70
C LEU B 374 4.49 35.98 23.18
N GLU B 375 3.44 36.59 22.67
CA GLU B 375 2.07 36.17 23.02
C GLU B 375 1.79 34.73 22.61
N ALA B 376 2.45 34.27 21.55
CA ALA B 376 2.31 32.89 21.08
C ALA B 376 2.79 31.85 22.12
N LEU B 377 3.58 32.31 23.08
CA LEU B 377 4.14 31.47 24.14
C LEU B 377 3.20 31.29 25.33
N GLU B 378 2.05 31.97 25.31
CA GLU B 378 1.08 31.91 26.40
C GLU B 378 -0.28 31.35 25.99
N PRO B 379 -0.34 30.07 25.58
CA PRO B 379 -1.64 29.50 25.18
C PRO B 379 -2.56 29.30 26.39
N VAL B 380 -3.87 29.34 26.18
CA VAL B 380 -4.84 29.12 27.27
C VAL B 380 -5.43 27.71 27.19
N HIS B 381 -5.22 27.03 26.06
CA HIS B 381 -5.79 25.71 25.82
C HIS B 381 -5.20 25.08 24.56
N TYR B 382 -5.29 23.76 24.45
CA TYR B 382 -4.74 23.02 23.32
C TYR B 382 -5.60 21.80 23.03
N GLU B 383 -6.01 21.64 21.77
CA GLU B 383 -6.64 20.39 21.33
C GLU B 383 -5.91 19.85 20.09
N GLU B 384 -5.86 18.53 19.98
CA GLU B 384 -5.18 17.87 18.88
C GLU B 384 -5.77 16.47 18.65
N LYS B 385 -5.65 15.99 17.41
CA LYS B 385 -6.08 14.64 17.07
C LYS B 385 -5.12 14.07 16.04
N ASN B 386 -4.54 12.93 16.37
CA ASN B 386 -3.69 12.20 15.47
C ASN B 386 -4.53 11.18 14.71
N TRP B 387 -4.77 11.39 13.43
CA TRP B 387 -5.65 10.48 12.69
C TRP B 387 -5.03 9.12 12.36
N CYS B 388 -3.70 9.02 12.48
CA CYS B 388 -2.97 7.81 12.17
C CYS B 388 -3.34 6.65 13.13
N GLU B 389 -3.84 6.98 14.31
CA GLU B 389 -4.10 5.97 15.31
C GLU B 389 -5.51 5.36 15.23
N GLU B 390 -6.31 5.85 14.29
CA GLU B 390 -7.73 5.50 14.16
C GLU B 390 -7.95 4.19 13.40
N GLN B 391 -8.36 3.15 14.10
CA GLN B 391 -8.65 1.84 13.48
C GLN B 391 -9.68 1.92 12.35
N TYR B 392 -10.68 2.81 12.48
CA TYR B 392 -11.76 2.84 11.48
C TYR B 392 -11.72 4.03 10.51
N SER B 393 -10.55 4.64 10.42
CA SER B 393 -10.23 5.66 9.42
C SER B 393 -8.98 5.21 8.67
N GLY B 394 -7.91 4.95 9.41
CA GLY B 394 -6.64 4.50 8.83
C GLY B 394 -5.66 5.63 8.55
N GLY B 395 -6.13 6.87 8.74
CA GLY B 395 -5.38 8.08 8.43
C GLY B 395 -6.29 9.21 7.98
N CYS B 396 -5.69 10.31 7.54
CA CYS B 396 -6.42 11.45 6.95
C CYS B 396 -5.41 12.15 6.07
N TYR B 397 -5.88 12.94 5.10
CA TYR B 397 -7.30 13.23 4.87
C TYR B 397 -7.95 12.09 4.12
N THR B 398 -7.23 11.56 3.15
CA THR B 398 -7.82 10.63 2.20
C THR B 398 -6.85 9.56 1.74
N THR B 399 -7.35 8.63 0.94
CA THR B 399 -6.56 7.59 0.32
C THR B 399 -5.63 8.16 -0.75
N TYR B 400 -4.37 7.74 -0.73
CA TYR B 400 -3.46 8.15 -1.80
C TYR B 400 -3.00 6.92 -2.58
N PHE B 401 -2.62 7.12 -3.84
CA PHE B 401 -2.18 6.03 -4.70
C PHE B 401 -0.68 6.05 -4.92
N PRO B 402 0.05 5.00 -4.44
CA PRO B 402 1.47 4.88 -4.75
C PRO B 402 1.68 4.66 -6.25
N PRO B 403 2.92 4.85 -6.73
CA PRO B 403 3.21 4.60 -8.15
C PRO B 403 2.80 3.21 -8.62
N GLY B 404 2.11 3.19 -9.77
CA GLY B 404 1.69 1.96 -10.43
C GLY B 404 0.24 1.57 -10.23
N ILE B 405 -0.40 2.10 -9.18
CA ILE B 405 -1.67 1.51 -8.72
C ILE B 405 -2.91 2.04 -9.44
N LEU B 406 -2.97 3.35 -9.64
CA LEU B 406 -4.12 3.98 -10.28
C LEU B 406 -4.40 3.42 -11.67
N THR B 407 -3.38 3.24 -12.49
CA THR B 407 -3.60 2.65 -13.82
C THR B 407 -3.96 1.15 -13.75
N GLN B 408 -3.42 0.45 -12.76
CA GLN B 408 -3.67 -1.01 -12.65
C GLN B 408 -4.99 -1.38 -11.96
N TYR B 409 -5.40 -0.59 -10.97
CA TYR B 409 -6.55 -0.93 -10.13
C TYR B 409 -7.61 0.15 -10.05
N GLY B 410 -7.32 1.33 -10.60
CA GLY B 410 -8.21 2.48 -10.42
C GLY B 410 -9.65 2.26 -10.87
N ARG B 411 -9.83 1.55 -11.97
CA ARG B 411 -11.17 1.31 -12.49
C ARG B 411 -12.01 0.42 -11.57
N VAL B 412 -11.36 -0.24 -10.61
CA VAL B 412 -12.04 -1.13 -9.67
C VAL B 412 -12.83 -0.38 -8.58
N LEU B 413 -12.43 0.85 -8.25
CA LEU B 413 -12.95 1.57 -7.06
C LEU B 413 -14.45 1.59 -6.91
N ARG B 414 -15.18 1.98 -7.95
CA ARG B 414 -16.60 2.06 -7.79
C ARG B 414 -17.38 1.03 -8.61
N GLN B 415 -16.68 0.01 -9.08
CA GLN B 415 -17.32 -1.10 -9.73
C GLN B 415 -18.06 -1.95 -8.70
N PRO B 416 -19.38 -2.16 -8.91
CA PRO B 416 -20.15 -2.96 -7.96
C PRO B 416 -19.66 -4.40 -7.92
N VAL B 417 -19.74 -5.01 -6.75
CA VAL B 417 -19.48 -6.42 -6.59
C VAL B 417 -20.82 -7.07 -6.26
N ASP B 418 -21.41 -7.72 -7.27
CA ASP B 418 -22.78 -8.26 -7.20
C ASP B 418 -23.78 -7.21 -6.69
N ARG B 419 -24.12 -7.29 -5.41
CA ARG B 419 -25.08 -6.37 -4.79
C ARG B 419 -24.41 -5.40 -3.80
N ILE B 420 -23.09 -5.32 -3.82
CA ILE B 420 -22.38 -4.28 -3.04
C ILE B 420 -22.02 -3.10 -3.96
N TYR B 421 -22.54 -1.91 -3.65
CA TYR B 421 -22.18 -0.67 -4.35
C TYR B 421 -21.22 0.12 -3.47
N PHE B 422 -20.41 1.00 -4.07
CA PHE B 422 -19.31 1.65 -3.34
C PHE B 422 -19.43 3.16 -3.27
N ALA B 423 -19.51 3.65 -2.04
CA ALA B 423 -19.57 5.07 -1.80
C ALA B 423 -18.23 5.47 -1.17
N GLY B 424 -18.23 6.45 -0.27
CA GLY B 424 -16.98 6.97 0.28
C GLY B 424 -16.35 8.00 -0.64
N THR B 425 -15.77 9.03 -0.05
CA THR B 425 -15.21 10.14 -0.79
C THR B 425 -14.18 9.71 -1.85
N GLU B 426 -13.52 8.57 -1.60
CA GLU B 426 -12.53 8.04 -2.54
C GLU B 426 -13.09 7.70 -3.93
N THR B 427 -14.41 7.49 -4.01
CA THR B 427 -15.04 7.10 -5.26
C THR B 427 -15.66 8.27 -6.02
N ALA B 428 -15.47 9.48 -5.49
CA ALA B 428 -15.98 10.67 -6.13
C ALA B 428 -15.14 11.10 -7.35
N THR B 429 -15.72 11.94 -8.19
CA THR B 429 -15.08 12.45 -9.40
C THR B 429 -14.88 13.97 -9.33
N HIS B 430 -15.38 14.59 -8.27
CA HIS B 430 -15.17 16.04 -8.05
C HIS B 430 -15.04 16.29 -6.55
N TRP B 431 -13.89 16.82 -6.15
CA TRP B 431 -13.51 17.01 -4.75
C TRP B 431 -13.50 15.71 -3.99
N SER B 432 -13.10 14.64 -4.67
CA SER B 432 -12.77 13.38 -4.01
C SER B 432 -11.73 13.70 -2.96
N GLY B 433 -11.91 13.12 -1.77
CA GLY B 433 -11.03 13.38 -0.63
C GLY B 433 -11.66 14.32 0.37
N TYR B 434 -12.65 15.08 -0.09
CA TYR B 434 -13.33 16.10 0.70
C TYR B 434 -14.73 15.65 1.12
N MET B 435 -15.34 16.38 2.04
CA MET B 435 -16.74 16.15 2.42
C MET B 435 -17.69 16.24 1.23
N GLU B 436 -17.37 17.16 0.31
CA GLU B 436 -18.07 17.31 -0.97
C GLU B 436 -18.09 15.98 -1.76
N GLY B 437 -16.92 15.37 -1.92
CA GLY B 437 -16.82 14.09 -2.61
C GLY B 437 -17.57 12.98 -1.90
N ALA B 438 -17.70 13.10 -0.59
CA ALA B 438 -18.38 12.11 0.21
C ALA B 438 -19.88 12.07 -0.09
N VAL B 439 -20.46 13.27 -0.18
CA VAL B 439 -21.84 13.45 -0.57
C VAL B 439 -22.10 12.99 -2.01
N GLU B 440 -21.23 13.40 -2.94
CA GLU B 440 -21.38 12.99 -4.34
C GLU B 440 -21.44 11.47 -4.43
N ALA B 441 -20.48 10.81 -3.79
CA ALA B 441 -20.33 9.38 -3.88
C ALA B 441 -21.47 8.64 -3.19
N GLY B 442 -21.87 9.10 -2.00
CA GLY B 442 -22.97 8.48 -1.26
C GLY B 442 -24.28 8.53 -2.04
N GLU B 443 -24.56 9.69 -2.62
CA GLU B 443 -25.80 9.92 -3.34
C GLU B 443 -25.80 9.19 -4.67
N ARG B 444 -24.65 9.15 -5.33
CA ARG B 444 -24.49 8.37 -6.58
C ARG B 444 -24.67 6.88 -6.35
N ALA B 445 -24.02 6.34 -5.30
CA ALA B 445 -24.16 4.91 -4.96
C ALA B 445 -25.59 4.57 -4.58
N ALA B 446 -26.26 5.49 -3.88
CA ALA B 446 -27.70 5.37 -3.57
C ALA B 446 -28.57 5.28 -4.84
N ARG B 447 -28.28 6.13 -5.81
CA ARG B 447 -29.04 6.13 -7.05
C ARG B 447 -28.74 4.92 -7.92
N GLU B 448 -27.54 4.35 -7.80
CA GLU B 448 -27.20 3.12 -8.54
C GLU B 448 -28.14 2.03 -8.07
N ILE B 449 -28.39 1.98 -6.77
CA ILE B 449 -29.32 0.99 -6.21
C ILE B 449 -30.77 1.25 -6.63
N LEU B 450 -31.19 2.51 -6.59
CA LEU B 450 -32.50 2.87 -7.10
C LEU B 450 -32.69 2.43 -8.56
N HIS B 451 -31.63 2.55 -9.36
CA HIS B 451 -31.70 2.14 -10.75
C HIS B 451 -31.75 0.62 -10.87
N ALA B 452 -30.94 -0.08 -10.07
CA ALA B 452 -30.98 -1.54 -10.00
C ALA B 452 -32.31 -2.06 -9.50
N MET B 453 -33.04 -1.21 -8.78
CA MET B 453 -34.41 -1.55 -8.35
C MET B 453 -35.48 -1.19 -9.40
N GLY B 454 -35.06 -0.58 -10.51
CA GLY B 454 -36.00 -0.11 -11.54
C GLY B 454 -36.79 1.14 -11.19
N LYS B 455 -36.39 1.83 -10.11
CA LYS B 455 -37.08 3.03 -9.65
C LYS B 455 -36.75 4.30 -10.45
N ILE B 456 -35.56 4.35 -11.06
CA ILE B 456 -35.11 5.52 -11.84
C ILE B 456 -34.34 5.06 -13.08
N PRO B 457 -34.29 5.89 -14.14
CA PRO B 457 -33.50 5.49 -15.30
C PRO B 457 -32.00 5.68 -15.11
N GLU B 458 -31.21 4.95 -15.90
CA GLU B 458 -29.73 5.02 -15.88
C GLU B 458 -29.19 6.45 -15.97
N ASP B 459 -29.87 7.29 -16.73
CA ASP B 459 -29.54 8.69 -16.94
C ASP B 459 -29.46 9.48 -15.62
N GLU B 460 -30.18 9.01 -14.60
CA GLU B 460 -30.32 9.74 -13.36
C GLU B 460 -29.38 9.31 -12.23
N ILE B 461 -28.46 8.38 -12.51
CA ILE B 461 -27.47 7.92 -11.52
C ILE B 461 -26.48 9.03 -11.17
N TRP B 462 -25.99 9.73 -12.20
CA TRP B 462 -25.09 10.84 -12.06
C TRP B 462 -25.88 12.11 -12.29
N GLN B 463 -25.94 12.96 -11.26
CA GLN B 463 -26.71 14.19 -11.33
C GLN B 463 -25.86 15.40 -11.02
N SER B 464 -26.04 16.44 -11.84
CA SER B 464 -25.35 17.71 -11.65
C SER B 464 -26.02 18.47 -10.51
N GLU B 465 -25.27 19.38 -9.90
CA GLU B 465 -25.73 20.11 -8.71
C GLU B 465 -25.81 21.59 -9.04
N PRO B 466 -26.95 22.25 -8.77
CA PRO B 466 -26.95 23.70 -9.01
C PRO B 466 -25.98 24.42 -8.06
N GLU B 467 -25.45 25.56 -8.51
CA GLU B 467 -24.51 26.33 -7.71
C GLU B 467 -25.19 26.90 -6.49
N SER B 468 -24.48 26.88 -5.36
CA SER B 468 -24.95 27.47 -4.11
C SER B 468 -25.12 28.98 -4.27
N VAL B 469 -26.27 29.49 -3.80
CA VAL B 469 -26.53 30.93 -3.90
C VAL B 469 -25.77 31.71 -2.82
N ASP B 470 -25.45 31.05 -1.71
CA ASP B 470 -24.72 31.65 -0.58
C ASP B 470 -23.21 31.68 -0.80
N VAL B 471 -22.70 30.72 -1.57
CA VAL B 471 -21.27 30.56 -1.76
C VAL B 471 -20.99 30.42 -3.27
N PRO B 472 -21.17 31.52 -4.02
CA PRO B 472 -20.99 31.43 -5.47
C PRO B 472 -19.49 31.38 -5.83
N ALA B 473 -19.18 30.72 -6.94
CA ALA B 473 -17.82 30.63 -7.43
C ALA B 473 -17.49 31.72 -8.44
N GLN B 474 -16.31 32.31 -8.26
CA GLN B 474 -15.70 33.19 -9.23
C GLN B 474 -14.81 32.35 -10.12
N PRO B 475 -14.64 32.75 -11.39
CA PRO B 475 -13.78 31.92 -12.24
C PRO B 475 -12.28 32.09 -11.93
N ILE B 476 -11.48 31.08 -12.26
CA ILE B 476 -10.02 31.15 -12.09
C ILE B 476 -9.35 31.78 -13.31
N THR B 477 -8.71 32.93 -13.09
CA THR B 477 -8.05 33.68 -14.15
C THR B 477 -6.53 33.54 -14.09
N THR B 478 -5.88 33.61 -15.25
CA THR B 478 -4.43 33.82 -15.35
C THR B 478 -4.14 35.09 -16.16
N THR B 479 -2.96 35.67 -15.98
CA THR B 479 -2.53 36.85 -16.76
C THR B 479 -1.82 36.42 -18.04
N PHE B 480 -1.53 37.38 -18.92
CA PHE B 480 -0.80 37.10 -20.15
C PHE B 480 0.61 36.60 -19.85
N LEU B 481 1.30 37.28 -18.93
CA LEU B 481 2.65 36.91 -18.55
C LEU B 481 2.73 35.52 -17.91
N GLU B 482 1.79 35.23 -17.00
CA GLU B 482 1.70 33.89 -16.39
C GLU B 482 1.58 32.76 -17.42
N ARG B 483 0.81 33.00 -18.48
CA ARG B 483 0.64 32.02 -19.55
C ARG B 483 1.86 31.85 -20.46
N HIS B 484 2.58 32.95 -20.74
CA HIS B 484 3.58 32.94 -21.81
C HIS B 484 5.04 33.12 -21.38
N LEU B 485 5.26 33.54 -20.14
CA LEU B 485 6.63 33.55 -19.64
C LEU B 485 7.24 32.15 -19.79
N PRO B 486 8.52 32.08 -20.18
CA PRO B 486 9.15 30.78 -20.39
C PRO B 486 9.56 30.07 -19.09
N SER B 487 9.73 28.76 -19.18
CA SER B 487 10.35 27.98 -18.13
C SER B 487 11.83 28.34 -18.03
N VAL B 488 12.54 27.81 -17.03
CA VAL B 488 13.99 28.03 -16.93
C VAL B 488 14.75 27.41 -18.11
N PRO B 489 14.50 26.12 -18.46
CA PRO B 489 15.16 25.59 -19.65
C PRO B 489 14.76 26.28 -20.95
N GLY B 490 13.56 26.87 -20.98
CA GLY B 490 13.07 27.64 -22.14
C GLY B 490 13.74 28.99 -22.31
N LEU B 491 14.09 29.62 -21.19
CA LEU B 491 14.88 30.85 -21.19
C LEU B 491 16.32 30.52 -21.56
N LEU B 492 16.78 29.34 -21.13
CA LEU B 492 18.10 28.83 -21.50
C LEU B 492 18.20 28.49 -22.99
N ARG B 493 17.20 27.76 -23.51
CA ARG B 493 17.12 27.45 -24.94
C ARG B 493 16.98 28.72 -25.79
N LEU B 494 16.51 29.79 -25.16
CA LEU B 494 16.38 31.09 -25.81
C LEU B 494 17.63 31.95 -25.61
N ILE B 495 18.72 31.32 -25.15
CA ILE B 495 19.99 32.00 -24.83
C ILE B 495 21.20 31.05 -24.98
#